data_7RT9
#
_entry.id   7RT9
#
_cell.length_a   76.980
_cell.length_b   103.300
_cell.length_c   138.350
_cell.angle_alpha   90.000
_cell.angle_beta   90.000
_cell.angle_gamma   90.000
#
_symmetry.space_group_name_H-M   'P 21 21 21'
#
loop_
_entity.id
_entity.type
_entity.pdbx_description
1 polymer '4A3B2-A Fab heavy chain'
2 polymer '4A3B2-A Fab light chain'
3 polymer 'Peptide YY'
4 non-polymer GLYCEROL
5 water water
#
loop_
_entity_poly.entity_id
_entity_poly.type
_entity_poly.pdbx_seq_one_letter_code
_entity_poly.pdbx_strand_id
1 'polypeptide(L)'
;EVQLLESGGGLVQPGGSLRLSCAASGYTFTNYWMHWVRQAPGKGLEWVSNIDPSNGGTNYNEKFKSRFTISRDNSKNTLY
LQMNSLRAEDTAVYYCASFAYWGQGTLVTVSSASTKGPSVFPLAPSSKSTSGGTAALGCLVKDYFPEPVTVSWNSGALTS
GVHTFPAVLQSSGLYSLSSVVTVPSSSLGTQTYICNVNHKPSNTKVDKKVEPKSCGSHHHHHH
;
A,C
2 'polypeptide(L)'
;DIQMTQSPSSLSASVGDRVTITCRASGNIHNYLAWYQQKPGKAPKFLIYNAETLSDGVPSRFRGSGSGTDFALSISSLQP
EDFATYYCQHFMYPPFTFGQGTKLEIKRTVAAPSVFIFPPSDEQLKSGTASVVCLLNNFYPREAKVQWKVDNALQSGNSQ
ESVTEQDSKDSTYSLSSTLTLSKADYEKHKVYACEVTHQGLSSPVTKSFNRGEC
;
B,D
3 'polypeptide(L)' YPIKPEAPGEDASPEELNRYYASLRHYLNLVTRQRY(NH2) Y,Z
#
# COMPACT_ATOMS: atom_id res chain seq x y z
N VAL A 2 -21.75 12.78 30.67
CA VAL A 2 -21.79 12.32 29.24
C VAL A 2 -20.81 11.15 29.05
N GLN A 3 -21.31 10.04 28.52
CA GLN A 3 -20.48 8.85 28.22
C GLN A 3 -20.96 8.18 26.92
N LEU A 4 -20.01 7.58 26.18
CA LEU A 4 -20.29 6.52 25.18
C LEU A 4 -19.74 5.24 25.76
N LEU A 5 -20.57 4.22 25.88
CA LEU A 5 -20.18 2.93 26.46
C LEU A 5 -20.30 1.90 25.36
N GLU A 6 -19.18 1.26 25.00
CA GLU A 6 -19.16 0.22 23.92
C GLU A 6 -19.40 -1.18 24.46
N SER A 7 -19.99 -2.04 23.63
CA SER A 7 -20.17 -3.51 23.83
C SER A 7 -19.94 -4.27 22.52
N GLY A 8 -19.64 -5.57 22.58
CA GLY A 8 -19.80 -6.53 21.48
C GLY A 8 -18.56 -7.03 20.76
N GLY A 9 -17.36 -6.63 21.16
CA GLY A 9 -16.11 -7.06 20.48
C GLY A 9 -15.71 -8.50 20.80
N GLY A 10 -14.48 -8.89 20.55
CA GLY A 10 -14.02 -10.23 20.91
C GLY A 10 -13.56 -10.99 19.69
N LEU A 11 -13.56 -12.31 19.79
CA LEU A 11 -12.86 -13.18 18.84
C LEU A 11 -13.86 -13.72 17.82
N VAL A 12 -13.52 -13.67 16.56
CA VAL A 12 -14.37 -14.17 15.47
C VAL A 12 -13.45 -14.84 14.44
N GLN A 13 -13.96 -15.91 13.83
CA GLN A 13 -13.25 -16.60 12.74
C GLN A 13 -13.43 -15.81 11.45
N PRO A 14 -12.45 -15.85 10.55
CA PRO A 14 -12.60 -15.23 9.23
C PRO A 14 -13.91 -15.65 8.53
N GLY A 15 -14.55 -14.68 7.86
CA GLY A 15 -15.86 -14.79 7.17
C GLY A 15 -17.03 -14.65 8.13
N GLY A 16 -16.73 -14.50 9.41
CA GLY A 16 -17.71 -14.32 10.49
C GLY A 16 -18.20 -12.88 10.63
N SER A 17 -19.16 -12.69 11.52
CA SER A 17 -19.95 -11.44 11.68
C SER A 17 -19.81 -11.06 13.14
N LEU A 18 -19.79 -9.76 13.43
CA LEU A 18 -19.88 -9.23 14.82
C LEU A 18 -20.71 -7.95 14.73
N ARG A 19 -21.52 -7.69 15.73
CA ARG A 19 -22.21 -6.40 15.87
C ARG A 19 -21.64 -5.65 17.06
N LEU A 20 -21.15 -4.45 16.83
CA LEU A 20 -20.66 -3.60 17.93
C LEU A 20 -21.82 -2.68 18.32
N SER A 21 -21.90 -2.30 19.58
CA SER A 21 -22.88 -1.25 19.98
C SER A 21 -22.21 -0.23 20.91
N CYS A 22 -22.82 0.93 20.92
CA CYS A 22 -22.34 2.11 21.62
C CYS A 22 -23.56 2.84 22.16
N ALA A 23 -23.69 2.91 23.49
CA ALA A 23 -24.82 3.54 24.18
C ALA A 23 -24.37 4.94 24.64
N ALA A 24 -25.08 5.97 24.21
CA ALA A 24 -24.83 7.37 24.55
C ALA A 24 -25.77 7.81 25.67
N SER A 25 -25.32 8.67 26.56
CA SER A 25 -26.17 9.15 27.67
C SER A 25 -25.80 10.60 27.96
N GLY A 26 -26.76 11.36 28.44
CA GLY A 26 -26.52 12.68 29.04
C GLY A 26 -26.89 13.82 28.13
N TYR A 27 -27.29 13.58 26.86
CA TYR A 27 -27.61 14.69 25.94
C TYR A 27 -28.61 14.17 24.90
N THR A 28 -29.22 15.06 24.15
CA THR A 28 -30.21 14.70 23.13
C THR A 28 -29.48 13.91 22.01
N PHE A 29 -29.93 12.69 21.75
CA PHE A 29 -29.19 11.70 20.94
C PHE A 29 -29.02 12.20 19.50
N THR A 30 -29.89 13.07 19.01
CA THR A 30 -29.84 13.64 17.64
C THR A 30 -28.88 14.83 17.54
N ASN A 31 -28.18 15.24 18.61
CA ASN A 31 -27.36 16.47 18.56
C ASN A 31 -26.19 16.31 17.57
N TYR A 32 -25.50 15.17 17.53
CA TYR A 32 -24.19 15.09 16.85
C TYR A 32 -24.12 13.85 15.98
N TRP A 33 -23.41 13.95 14.85
CA TRP A 33 -23.07 12.76 14.07
C TRP A 33 -22.33 11.81 15.01
N MET A 34 -22.49 10.52 14.78
CA MET A 34 -21.83 9.43 15.50
C MET A 34 -20.98 8.64 14.51
N HIS A 35 -19.71 8.45 14.86
CA HIS A 35 -18.65 7.85 14.03
C HIS A 35 -18.14 6.54 14.65
N TRP A 36 -17.72 5.61 13.80
CA TRP A 36 -16.83 4.49 14.15
C TRP A 36 -15.44 4.75 13.58
N VAL A 37 -14.42 4.48 14.41
CA VAL A 37 -12.97 4.65 14.12
C VAL A 37 -12.29 3.36 14.60
N ARG A 38 -11.25 2.88 13.92
CA ARG A 38 -10.54 1.70 14.43
C ARG A 38 -9.04 1.96 14.44
N GLN A 39 -8.32 1.11 15.16
CA GLN A 39 -6.87 1.21 15.31
C GLN A 39 -6.29 -0.20 15.42
N ALA A 40 -5.61 -0.62 14.39
CA ALA A 40 -4.85 -1.90 14.42
C ALA A 40 -3.72 -1.76 15.44
N PRO A 41 -3.30 -2.87 16.11
CA PRO A 41 -2.25 -2.82 17.12
C PRO A 41 -0.97 -2.19 16.56
N GLY A 42 -0.50 -1.14 17.22
CA GLY A 42 0.74 -0.42 16.82
C GLY A 42 0.55 0.50 15.64
N LYS A 43 -0.67 0.80 15.20
CA LYS A 43 -0.90 1.63 14.00
C LYS A 43 -1.72 2.88 14.37
N GLY A 44 -2.08 3.64 13.35
CA GLY A 44 -2.81 4.90 13.43
C GLY A 44 -4.33 4.69 13.49
N LEU A 45 -5.05 5.77 13.64
CA LEU A 45 -6.53 5.82 13.60
C LEU A 45 -7.00 5.74 12.14
N GLU A 46 -8.08 4.99 11.95
CA GLU A 46 -8.73 4.82 10.62
C GLU A 46 -10.23 5.05 10.80
N TRP A 47 -10.75 6.00 10.05
CA TRP A 47 -12.19 6.32 10.05
C TRP A 47 -13.00 5.23 9.32
N VAL A 48 -14.08 4.77 9.90
CA VAL A 48 -14.90 3.66 9.32
C VAL A 48 -16.20 4.19 8.69
N SER A 49 -17.04 4.92 9.42
CA SER A 49 -18.40 5.32 8.96
C SER A 49 -18.97 6.30 9.95
N ASN A 50 -20.04 6.98 9.57
CA ASN A 50 -20.82 7.81 10.49
C ASN A 50 -22.30 7.80 10.09
N ILE A 51 -23.12 8.04 11.10
CA ILE A 51 -24.57 8.21 10.93
C ILE A 51 -25.00 9.52 11.61
N ASP A 52 -26.01 10.17 11.02
CA ASP A 52 -26.72 11.31 11.62
C ASP A 52 -28.00 10.80 12.22
N PRO A 53 -28.12 10.70 13.58
CA PRO A 53 -29.32 10.14 14.18
C PRO A 53 -30.54 11.03 13.97
N SER A 54 -30.38 12.28 13.57
CA SER A 54 -31.57 13.13 13.30
C SER A 54 -32.31 12.63 12.06
N ASN A 55 -31.63 12.04 11.07
CA ASN A 55 -32.32 11.63 9.80
C ASN A 55 -31.83 10.32 9.19
N GLY A 56 -30.88 9.65 9.82
CA GLY A 56 -30.33 8.37 9.37
C GLY A 56 -29.35 8.53 8.22
N GLY A 57 -28.94 9.74 7.85
CA GLY A 57 -27.94 9.90 6.78
C GLY A 57 -26.63 9.21 7.17
N THR A 58 -25.99 8.50 6.24
CA THR A 58 -24.80 7.68 6.54
C THR A 58 -23.69 8.09 5.60
N ASN A 59 -22.45 8.04 6.08
CA ASN A 59 -21.25 8.05 5.20
C ASN A 59 -20.43 6.81 5.55
N TYR A 60 -19.82 6.20 4.55
CA TYR A 60 -18.96 5.02 4.76
C TYR A 60 -17.61 5.31 4.13
N ASN A 61 -16.58 4.80 4.76
CA ASN A 61 -15.28 4.57 4.12
C ASN A 61 -15.59 3.47 3.10
N GLU A 62 -15.40 3.75 1.82
CA GLU A 62 -15.81 2.83 0.73
C GLU A 62 -15.06 1.50 0.85
N LYS A 63 -13.92 1.49 1.52
CA LYS A 63 -13.18 0.27 1.91
C LYS A 63 -14.08 -0.75 2.63
N PHE A 64 -15.09 -0.31 3.36
CA PHE A 64 -15.93 -1.20 4.22
C PHE A 64 -17.36 -1.26 3.69
N LYS A 65 -17.71 -0.48 2.65
CA LYS A 65 -19.13 -0.32 2.20
C LYS A 65 -19.77 -1.69 1.89
N SER A 66 -19.08 -2.62 1.27
CA SER A 66 -19.69 -3.93 0.91
C SER A 66 -20.00 -4.80 2.14
N ARG A 67 -19.40 -4.56 3.31
CA ARG A 67 -19.35 -5.56 4.40
C ARG A 67 -19.92 -5.01 5.71
N PHE A 68 -19.78 -3.69 5.95
CA PHE A 68 -20.16 -3.08 7.24
C PHE A 68 -21.45 -2.25 7.06
N THR A 69 -22.35 -2.29 8.04
CA THR A 69 -23.59 -1.47 8.01
C THR A 69 -23.65 -0.72 9.33
N ILE A 70 -23.72 0.59 9.27
CA ILE A 70 -23.92 1.46 10.46
C ILE A 70 -25.43 1.63 10.61
N SER A 71 -25.89 1.65 11.83
CA SER A 71 -27.28 1.93 12.19
C SER A 71 -27.31 2.50 13.62
N ARG A 72 -28.49 2.93 14.03
CA ARG A 72 -28.77 3.44 15.39
C ARG A 72 -30.24 3.17 15.73
N ASP A 73 -30.57 3.34 16.99
CA ASP A 73 -31.96 3.34 17.43
C ASP A 73 -32.11 4.51 18.38
N ASN A 74 -32.81 5.53 17.91
CA ASN A 74 -33.04 6.76 18.72
C ASN A 74 -33.82 6.40 19.99
N SER A 75 -34.61 5.32 19.99
CA SER A 75 -35.39 4.95 21.20
C SER A 75 -34.51 4.13 22.15
N LYS A 76 -33.24 3.90 21.83
CA LYS A 76 -32.31 3.24 22.76
C LYS A 76 -31.04 4.07 22.95
N ASN A 77 -30.88 5.22 22.32
CA ASN A 77 -29.63 6.02 22.44
C ASN A 77 -28.45 5.13 22.05
N THR A 78 -28.62 4.23 21.09
CA THR A 78 -27.58 3.24 20.75
C THR A 78 -27.19 3.33 19.27
N LEU A 79 -25.90 3.36 19.03
CA LEU A 79 -25.25 3.25 17.71
C LEU A 79 -24.79 1.82 17.50
N TYR A 80 -24.93 1.31 16.28
CA TYR A 80 -24.48 -0.07 15.96
C TYR A 80 -23.50 -0.05 14.79
N LEU A 81 -22.61 -1.02 14.78
CA LEU A 81 -21.85 -1.36 13.56
C LEU A 81 -21.94 -2.86 13.35
N GLN A 82 -22.58 -3.24 12.25
CA GLN A 82 -22.78 -4.65 11.87
C GLN A 82 -21.63 -4.98 10.91
N MET A 83 -20.69 -5.82 11.36
CA MET A 83 -19.52 -6.17 10.53
C MET A 83 -19.65 -7.60 10.03
N ASN A 84 -19.80 -7.76 8.72
CA ASN A 84 -19.91 -9.07 8.03
C ASN A 84 -18.61 -9.38 7.29
N SER A 85 -18.36 -10.65 7.03
CA SER A 85 -17.23 -11.14 6.21
C SER A 85 -15.92 -10.57 6.75
N LEU A 86 -15.72 -10.70 8.07
CA LEU A 86 -14.52 -10.18 8.74
C LEU A 86 -13.28 -10.97 8.29
N ARG A 87 -12.18 -10.28 8.21
CA ARG A 87 -10.86 -10.83 7.83
C ARG A 87 -9.81 -10.47 8.85
N ALA A 88 -8.72 -11.22 8.85
CA ALA A 88 -7.61 -11.06 9.80
C ALA A 88 -7.21 -9.58 9.84
N GLU A 89 -7.17 -8.91 8.68
CA GLU A 89 -6.71 -7.51 8.53
C GLU A 89 -7.69 -6.55 9.22
N ASP A 90 -8.85 -7.01 9.63
CA ASP A 90 -9.84 -6.20 10.39
C ASP A 90 -9.57 -6.26 11.89
N THR A 91 -8.54 -6.99 12.33
CA THR A 91 -8.19 -7.05 13.76
C THR A 91 -7.81 -5.63 14.19
N ALA A 92 -8.43 -5.13 15.26
CA ALA A 92 -8.26 -3.74 15.68
C ALA A 92 -9.07 -3.52 16.94
N VAL A 93 -8.74 -2.44 17.61
CA VAL A 93 -9.63 -1.78 18.60
C VAL A 93 -10.60 -0.90 17.82
N TYR A 94 -11.89 -1.12 18.02
CA TYR A 94 -12.96 -0.31 17.43
C TYR A 94 -13.50 0.67 18.48
N TYR A 95 -13.56 1.93 18.08
CA TYR A 95 -14.04 3.05 18.92
C TYR A 95 -15.31 3.62 18.28
N CYS A 96 -16.30 3.97 19.10
CA CYS A 96 -17.29 4.97 18.73
C CYS A 96 -16.88 6.36 19.23
N ALA A 97 -17.27 7.38 18.49
CA ALA A 97 -16.90 8.77 18.78
C ALA A 97 -18.04 9.68 18.34
N SER A 98 -18.33 10.68 19.16
CA SER A 98 -19.33 11.73 18.83
C SER A 98 -18.87 13.02 19.50
N PHE A 99 -18.48 14.00 18.71
CA PHE A 99 -17.97 15.31 19.21
C PHE A 99 -16.80 14.95 20.18
N ALA A 100 -16.87 15.37 21.44
CA ALA A 100 -15.80 15.19 22.46
C ALA A 100 -15.90 13.84 23.16
N TYR A 101 -16.94 13.03 22.87
CA TYR A 101 -17.24 11.78 23.59
C TYR A 101 -16.71 10.59 22.76
N TRP A 102 -15.75 9.83 23.32
CA TRP A 102 -15.20 8.57 22.77
C TRP A 102 -15.56 7.41 23.67
N GLY A 103 -15.97 6.30 23.09
CA GLY A 103 -16.05 5.02 23.79
C GLY A 103 -14.67 4.59 24.23
N GLN A 104 -14.63 3.61 25.11
CA GLN A 104 -13.39 3.05 25.72
C GLN A 104 -12.65 2.20 24.68
N GLY A 105 -13.33 1.78 23.60
CA GLY A 105 -12.73 0.88 22.62
C GLY A 105 -13.00 -0.56 22.95
N THR A 106 -13.09 -1.38 21.92
CA THR A 106 -13.22 -2.85 22.12
C THR A 106 -12.35 -3.53 21.09
N LEU A 107 -11.57 -4.51 21.55
CA LEU A 107 -10.67 -5.27 20.66
C LEU A 107 -11.48 -6.34 19.91
N VAL A 108 -11.34 -6.34 18.59
CA VAL A 108 -11.95 -7.34 17.69
C VAL A 108 -10.76 -8.08 17.10
N THR A 109 -10.70 -9.38 17.34
CA THR A 109 -9.65 -10.25 16.80
C THR A 109 -10.30 -11.20 15.82
N VAL A 110 -9.78 -11.20 14.61
CA VAL A 110 -10.25 -12.06 13.50
C VAL A 110 -9.11 -13.02 13.18
N SER A 111 -9.31 -14.31 13.48
CA SER A 111 -8.23 -15.30 13.34
C SER A 111 -8.83 -16.71 13.32
N SER A 112 -8.13 -17.60 12.63
CA SER A 112 -8.35 -19.06 12.62
C SER A 112 -7.87 -19.71 13.91
N ALA A 113 -6.94 -19.08 14.63
CA ALA A 113 -6.31 -19.63 15.85
C ALA A 113 -7.38 -19.94 16.90
N SER A 114 -7.16 -20.97 17.70
CA SER A 114 -8.02 -21.38 18.84
C SER A 114 -7.55 -20.69 20.11
N THR A 115 -8.48 -20.28 20.97
CA THR A 115 -8.17 -19.71 22.28
C THR A 115 -7.26 -20.70 23.02
N LYS A 116 -6.21 -20.21 23.67
CA LYS A 116 -5.10 -21.04 24.24
C LYS A 116 -4.38 -20.18 25.27
N GLY A 117 -4.19 -20.71 26.47
CA GLY A 117 -3.43 -20.05 27.55
C GLY A 117 -1.93 -20.12 27.28
N PRO A 118 -1.13 -19.19 27.85
CA PRO A 118 0.32 -19.16 27.63
C PRO A 118 1.09 -20.27 28.38
N SER A 119 2.14 -20.81 27.75
CA SER A 119 3.29 -21.49 28.43
C SER A 119 4.17 -20.39 29.03
N VAL A 120 4.50 -20.43 30.33
CA VAL A 120 5.41 -19.43 30.96
C VAL A 120 6.74 -20.11 31.25
N PHE A 121 7.84 -19.45 30.89
CA PHE A 121 9.24 -19.95 30.98
C PHE A 121 10.12 -18.93 31.68
N PRO A 122 11.06 -19.38 32.53
CA PRO A 122 12.02 -18.47 33.13
C PRO A 122 13.00 -18.00 32.05
N LEU A 123 13.34 -16.71 32.10
CA LEU A 123 14.60 -16.11 31.62
C LEU A 123 15.51 -15.99 32.86
N ALA A 124 16.32 -17.03 33.11
CA ALA A 124 17.14 -17.19 34.33
C ALA A 124 18.31 -16.20 34.31
N PRO A 125 18.64 -15.58 35.47
CA PRO A 125 19.80 -14.69 35.56
C PRO A 125 21.13 -15.47 35.61
N GLY A 133 27.14 -6.14 39.18
CA GLY A 133 26.31 -5.28 40.03
C GLY A 133 24.83 -5.49 39.74
N THR A 134 24.42 -5.37 38.47
CA THR A 134 23.01 -5.51 38.00
C THR A 134 22.80 -6.85 37.28
N ALA A 135 21.83 -7.63 37.72
CA ALA A 135 21.34 -8.84 37.01
C ALA A 135 19.98 -8.55 36.33
N ALA A 136 19.77 -9.13 35.16
CA ALA A 136 18.48 -9.09 34.44
C ALA A 136 17.87 -10.47 34.58
N LEU A 137 16.56 -10.51 34.80
CA LEU A 137 15.78 -11.78 34.77
C LEU A 137 14.37 -11.49 34.21
N GLY A 138 13.60 -12.53 33.90
CA GLY A 138 12.20 -12.33 33.48
C GLY A 138 11.50 -13.63 33.16
N CYS A 139 10.37 -13.49 32.45
CA CYS A 139 9.50 -14.60 32.04
C CYS A 139 9.20 -14.46 30.56
N LEU A 140 9.24 -15.56 29.83
CA LEU A 140 8.79 -15.63 28.42
C LEU A 140 7.39 -16.20 28.48
N VAL A 141 6.39 -15.41 28.06
CA VAL A 141 4.95 -15.80 28.03
C VAL A 141 4.60 -16.19 26.60
N LYS A 142 4.64 -17.49 26.31
CA LYS A 142 4.72 -17.98 24.91
C LYS A 142 3.41 -18.67 24.50
N ASP A 143 3.02 -18.44 23.24
CA ASP A 143 1.99 -19.21 22.50
C ASP A 143 0.62 -19.12 23.20
N TYR A 144 0.15 -17.90 23.44
CA TYR A 144 -1.24 -17.65 23.89
C TYR A 144 -2.06 -17.03 22.74
N PHE A 145 -3.37 -17.10 22.91
CA PHE A 145 -4.32 -16.55 21.93
C PHE A 145 -5.71 -16.39 22.55
N PRO A 146 -6.41 -15.25 22.38
CA PRO A 146 -5.92 -14.04 21.71
C PRO A 146 -5.28 -13.10 22.74
N GLU A 147 -5.00 -11.86 22.34
CA GLU A 147 -4.64 -10.78 23.27
C GLU A 147 -5.86 -10.50 24.13
N PRO A 148 -5.72 -9.90 25.34
CA PRO A 148 -4.41 -9.58 25.94
C PRO A 148 -3.97 -10.48 27.10
N VAL A 149 -2.73 -10.29 27.62
CA VAL A 149 -2.25 -10.90 28.90
C VAL A 149 -1.77 -9.75 29.78
N THR A 150 -1.79 -9.93 31.11
CA THR A 150 -1.13 -8.98 32.06
C THR A 150 0.00 -9.73 32.76
N VAL A 151 1.09 -9.03 33.01
CA VAL A 151 2.22 -9.56 33.82
C VAL A 151 2.49 -8.56 34.93
N SER A 152 2.59 -9.07 36.16
CA SER A 152 3.10 -8.34 37.35
C SER A 152 4.30 -9.10 37.92
N TRP A 153 5.16 -8.42 38.68
CA TRP A 153 6.24 -9.09 39.46
C TRP A 153 5.92 -9.04 40.96
N ASN A 154 5.89 -10.20 41.61
CA ASN A 154 5.77 -10.37 43.09
C ASN A 154 4.35 -9.97 43.51
N SER A 155 3.39 -10.89 43.29
CA SER A 155 1.92 -10.65 43.23
C SER A 155 1.57 -9.16 43.13
N GLY A 156 2.35 -8.36 42.39
CA GLY A 156 2.14 -6.91 42.24
C GLY A 156 3.25 -6.05 42.80
N ALA A 157 4.14 -6.59 43.64
CA ALA A 157 5.09 -5.83 44.51
C ALA A 157 6.26 -5.21 43.73
N LEU A 158 6.90 -5.95 42.80
CA LEU A 158 8.09 -5.48 42.01
C LEU A 158 7.61 -4.67 40.80
N THR A 159 7.66 -3.33 40.91
CA THR A 159 7.31 -2.33 39.87
C THR A 159 8.62 -1.81 39.27
N SER A 160 9.62 -1.53 40.11
CA SER A 160 10.91 -0.93 39.71
C SER A 160 11.66 -1.91 38.80
N GLY A 161 12.25 -1.38 37.71
CA GLY A 161 13.12 -2.11 36.76
C GLY A 161 12.38 -3.07 35.84
N VAL A 162 11.04 -3.15 35.93
CA VAL A 162 10.20 -4.10 35.14
C VAL A 162 10.01 -3.53 33.72
N HIS A 163 10.25 -4.32 32.69
CA HIS A 163 9.88 -3.98 31.30
C HIS A 163 9.06 -5.14 30.72
N THR A 164 7.77 -4.92 30.45
CA THR A 164 6.85 -5.89 29.80
C THR A 164 6.66 -5.48 28.35
N PHE A 165 7.17 -6.27 27.41
CA PHE A 165 7.23 -5.89 25.98
C PHE A 165 5.88 -6.10 25.33
N PRO A 166 5.58 -5.32 24.28
CA PRO A 166 4.46 -5.63 23.39
C PRO A 166 4.60 -7.04 22.83
N ALA A 167 3.48 -7.74 22.75
CA ALA A 167 3.41 -9.10 22.19
C ALA A 167 3.76 -9.01 20.72
N VAL A 168 4.32 -10.09 20.19
CA VAL A 168 4.45 -10.28 18.73
C VAL A 168 3.49 -11.39 18.33
N LEU A 169 2.83 -11.22 17.18
CA LEU A 169 2.04 -12.28 16.52
C LEU A 169 3.00 -13.17 15.73
N GLN A 170 3.18 -14.41 16.16
CA GLN A 170 4.07 -15.39 15.47
C GLN A 170 3.36 -15.93 14.23
N SER A 171 4.14 -16.44 13.28
CA SER A 171 3.68 -17.12 12.04
C SER A 171 2.63 -18.21 12.36
N SER A 172 2.70 -18.87 13.53
CA SER A 172 1.72 -19.86 14.05
C SER A 172 0.34 -19.25 14.31
N GLY A 173 0.23 -17.92 14.40
CA GLY A 173 -1.01 -17.20 14.75
C GLY A 173 -1.21 -17.09 16.26
N LEU A 174 -0.21 -17.50 17.05
CA LEU A 174 -0.23 -17.33 18.51
C LEU A 174 0.70 -16.16 18.88
N TYR A 175 0.39 -15.51 20.00
CA TYR A 175 1.14 -14.34 20.51
C TYR A 175 2.26 -14.84 21.43
N SER A 176 3.29 -14.01 21.59
CA SER A 176 4.39 -14.26 22.56
C SER A 176 4.95 -12.92 23.01
N LEU A 177 5.27 -12.81 24.30
CA LEU A 177 5.97 -11.61 24.82
C LEU A 177 6.88 -12.01 25.99
N SER A 178 7.75 -11.11 26.38
CA SER A 178 8.68 -11.32 27.50
C SER A 178 8.45 -10.21 28.48
N SER A 179 8.55 -10.50 29.77
CA SER A 179 8.61 -9.46 30.83
C SER A 179 9.96 -9.65 31.52
N VAL A 180 10.73 -8.59 31.70
CA VAL A 180 12.05 -8.67 32.33
C VAL A 180 12.09 -7.66 33.47
N VAL A 181 13.02 -7.88 34.40
CA VAL A 181 13.33 -6.94 35.50
C VAL A 181 14.84 -7.01 35.78
N THR A 182 15.46 -5.87 36.04
CA THR A 182 16.86 -5.77 36.54
C THR A 182 16.84 -5.54 38.07
N VAL A 183 17.68 -6.30 38.78
CA VAL A 183 17.83 -6.28 40.27
C VAL A 183 19.32 -6.20 40.59
N PRO A 184 19.70 -5.83 41.85
CA PRO A 184 21.09 -5.98 42.30
C PRO A 184 21.51 -7.44 42.13
N SER A 185 22.70 -7.66 41.58
CA SER A 185 23.26 -9.02 41.36
C SER A 185 23.38 -9.76 42.71
N SER A 186 23.81 -9.03 43.73
CA SER A 186 24.05 -9.53 45.11
C SER A 186 22.71 -9.71 45.84
N SER A 187 21.58 -9.65 45.13
CA SER A 187 20.26 -9.90 45.78
C SER A 187 19.65 -11.19 45.22
N LEU A 188 20.37 -11.92 44.35
CA LEU A 188 19.87 -13.13 43.64
C LEU A 188 19.80 -14.35 44.57
N GLY A 189 20.63 -14.42 45.61
CA GLY A 189 20.66 -15.57 46.53
C GLY A 189 19.65 -15.46 47.65
N THR A 190 19.10 -14.26 47.85
CA THR A 190 18.44 -13.78 49.09
C THR A 190 16.98 -13.38 48.80
N GLN A 191 16.74 -12.53 47.78
CA GLN A 191 15.38 -11.99 47.44
C GLN A 191 14.64 -12.99 46.56
N THR A 192 13.30 -12.95 46.56
CA THR A 192 12.40 -13.82 45.74
C THR A 192 11.74 -12.96 44.64
N TYR A 193 11.91 -13.36 43.38
CA TYR A 193 11.35 -12.66 42.19
C TYR A 193 10.37 -13.62 41.51
N ILE A 194 9.07 -13.26 41.46
CA ILE A 194 8.00 -14.12 40.86
C ILE A 194 7.19 -13.29 39.82
N CYS A 195 6.85 -13.92 38.69
CA CYS A 195 6.09 -13.27 37.59
C CYS A 195 4.68 -13.87 37.58
N ASN A 196 3.69 -13.00 37.75
CA ASN A 196 2.24 -13.37 37.73
C ASN A 196 1.68 -13.00 36.37
N VAL A 197 1.16 -14.01 35.68
CA VAL A 197 0.65 -13.93 34.28
C VAL A 197 -0.84 -14.28 34.31
N ASN A 198 -1.72 -13.31 34.03
CA ASN A 198 -3.18 -13.53 33.85
C ASN A 198 -3.53 -13.45 32.35
N HIS A 199 -4.15 -14.49 31.82
CA HIS A 199 -4.80 -14.55 30.48
C HIS A 199 -6.31 -14.85 30.62
N LYS A 200 -7.08 -13.78 30.80
CA LYS A 200 -8.56 -13.78 30.97
C LYS A 200 -9.25 -14.58 29.88
N PRO A 201 -8.89 -14.49 28.57
CA PRO A 201 -9.61 -15.26 27.56
C PRO A 201 -9.58 -16.79 27.73
N SER A 202 -8.54 -17.36 28.35
CA SER A 202 -8.50 -18.83 28.60
C SER A 202 -8.75 -19.18 30.08
N ASN A 203 -8.99 -18.18 30.94
CA ASN A 203 -9.16 -18.31 32.41
C ASN A 203 -7.91 -18.98 32.98
N THR A 204 -6.77 -18.28 32.91
CA THR A 204 -5.38 -18.78 33.14
C THR A 204 -4.61 -17.80 34.04
N LYS A 205 -4.10 -18.27 35.19
CA LYS A 205 -3.09 -17.54 36.00
C LYS A 205 -1.91 -18.50 36.26
N VAL A 206 -0.75 -18.21 35.71
CA VAL A 206 0.54 -18.89 36.03
C VAL A 206 1.36 -17.93 36.90
N ASP A 207 1.90 -18.42 38.02
CA ASP A 207 2.93 -17.73 38.84
C ASP A 207 4.21 -18.56 38.69
N LYS A 208 5.36 -17.92 38.38
CA LYS A 208 6.71 -18.59 38.30
C LYS A 208 7.74 -17.73 39.06
N LYS A 209 8.43 -18.34 40.05
CA LYS A 209 9.68 -17.76 40.63
C LYS A 209 10.77 -17.95 39.55
N VAL A 210 11.56 -16.92 39.27
CA VAL A 210 12.72 -17.05 38.34
C VAL A 210 13.95 -17.22 39.25
N GLU A 211 14.50 -18.44 39.35
CA GLU A 211 15.69 -18.78 40.20
C GLU A 211 16.95 -18.74 39.33
N PRO A 212 18.14 -18.41 39.89
CA PRO A 212 19.38 -18.34 39.10
C PRO A 212 19.83 -19.66 38.45
N ASP B 1 -10.44 11.51 -2.53
CA ASP B 1 -10.41 11.55 -1.05
C ASP B 1 -9.49 12.69 -0.61
N ILE B 2 -9.77 13.35 0.51
CA ILE B 2 -8.75 14.27 1.10
C ILE B 2 -7.89 13.46 2.10
N GLN B 3 -6.58 13.48 1.90
CA GLN B 3 -5.55 12.92 2.79
C GLN B 3 -4.96 14.06 3.66
N MET B 4 -4.54 13.72 4.87
CA MET B 4 -3.92 14.67 5.82
C MET B 4 -2.47 14.25 5.93
N THR B 5 -1.55 15.19 5.72
CA THR B 5 -0.10 14.93 5.92
C THR B 5 0.34 15.64 7.20
N GLN B 6 0.78 14.87 8.19
CA GLN B 6 1.18 15.40 9.50
C GLN B 6 2.70 15.43 9.58
N SER B 7 3.25 16.45 10.19
CA SER B 7 4.70 16.61 10.32
C SER B 7 5.00 17.31 11.65
N PRO B 8 6.05 16.91 12.40
CA PRO B 8 6.93 15.78 12.05
C PRO B 8 6.26 14.47 12.45
N SER B 9 6.82 13.32 12.06
CA SER B 9 6.28 12.02 12.52
C SER B 9 6.73 11.77 13.96
N SER B 10 7.88 12.32 14.36
CA SER B 10 8.27 12.30 15.79
C SER B 10 9.07 13.54 16.17
N LEU B 11 8.95 13.89 17.44
CA LEU B 11 9.48 15.14 18.03
C LEU B 11 10.00 14.77 19.43
N SER B 12 11.27 15.05 19.70
CA SER B 12 11.91 14.95 21.03
C SER B 12 11.96 16.34 21.64
N ALA B 13 11.36 16.52 22.80
CA ALA B 13 11.30 17.87 23.40
C ALA B 13 11.30 17.70 24.91
N SER B 14 11.16 18.82 25.61
CA SER B 14 11.39 18.94 27.06
C SER B 14 10.22 19.67 27.73
N VAL B 15 10.03 19.44 29.04
CA VAL B 15 9.04 20.24 29.82
C VAL B 15 9.41 21.71 29.68
N GLY B 16 8.45 22.55 29.31
CA GLY B 16 8.69 23.99 29.14
C GLY B 16 8.80 24.36 27.68
N ASP B 17 9.12 23.41 26.81
CA ASP B 17 9.33 23.75 25.37
C ASP B 17 8.02 24.25 24.74
N ARG B 18 8.16 25.22 23.88
CA ARG B 18 7.12 25.49 22.85
C ARG B 18 7.28 24.48 21.73
N VAL B 19 6.20 23.82 21.29
CA VAL B 19 6.30 22.88 20.15
C VAL B 19 5.17 23.15 19.17
N THR B 20 5.39 22.78 17.90
CA THR B 20 4.39 22.94 16.82
C THR B 20 4.33 21.65 16.02
N ILE B 21 3.13 21.16 15.75
CA ILE B 21 2.87 20.05 14.80
C ILE B 21 2.07 20.61 13.64
N THR B 22 2.38 20.21 12.41
CA THR B 22 1.64 20.73 11.24
C THR B 22 0.80 19.61 10.65
N CYS B 23 -0.27 20.03 9.99
CA CYS B 23 -1.18 19.14 9.25
C CYS B 23 -1.61 19.85 7.97
N ARG B 24 -1.38 19.22 6.82
CA ARG B 24 -1.70 19.78 5.48
C ARG B 24 -2.73 18.86 4.85
N ALA B 25 -3.84 19.40 4.45
CA ALA B 25 -4.88 18.67 3.69
C ALA B 25 -4.56 18.72 2.19
N SER B 26 -4.79 17.62 1.46
CA SER B 26 -4.56 17.52 -0.01
C SER B 26 -5.65 18.31 -0.77
N GLY B 27 -6.72 18.73 -0.10
CA GLY B 27 -7.78 19.60 -0.64
C GLY B 27 -8.31 20.51 0.43
N ASN B 28 -9.06 21.54 0.03
CA ASN B 28 -9.72 22.52 0.92
C ASN B 28 -10.65 21.80 1.91
N ILE B 29 -10.43 21.99 3.22
CA ILE B 29 -11.34 21.42 4.27
C ILE B 29 -12.00 22.53 5.07
N HIS B 30 -11.96 23.78 4.55
CA HIS B 30 -12.40 25.00 5.26
C HIS B 30 -11.71 24.99 6.64
N ASN B 31 -12.47 25.01 7.74
CA ASN B 31 -11.91 24.86 9.11
C ASN B 31 -12.39 23.55 9.77
N TYR B 32 -12.71 22.53 9.00
CA TYR B 32 -13.28 21.27 9.53
C TYR B 32 -12.15 20.32 9.89
N LEU B 33 -11.41 20.68 10.93
CA LEU B 33 -10.25 19.88 11.46
C LEU B 33 -10.35 19.72 12.96
N ALA B 34 -10.12 18.52 13.44
CA ALA B 34 -10.00 18.17 14.87
C ALA B 34 -8.56 17.72 15.15
N TRP B 35 -8.10 17.98 16.37
CA TRP B 35 -6.84 17.43 16.92
C TRP B 35 -7.20 16.51 18.09
N TYR B 36 -6.48 15.42 18.18
CA TYR B 36 -6.59 14.40 19.24
C TYR B 36 -5.23 14.15 19.85
N GLN B 37 -5.27 13.80 21.13
CA GLN B 37 -4.10 13.27 21.86
C GLN B 37 -4.39 11.82 22.19
N GLN B 38 -3.40 10.95 22.08
CA GLN B 38 -3.59 9.55 22.50
C GLN B 38 -2.37 9.07 23.29
N LYS B 39 -2.62 8.43 24.41
CA LYS B 39 -1.55 7.75 25.17
C LYS B 39 -1.66 6.25 25.01
N PRO B 40 -0.56 5.52 25.25
CA PRO B 40 -0.55 4.07 25.04
C PRO B 40 -1.62 3.37 25.89
N GLY B 41 -2.38 2.51 25.22
CA GLY B 41 -3.49 1.72 25.79
C GLY B 41 -4.69 2.55 26.15
N LYS B 42 -4.81 3.79 25.66
CA LYS B 42 -5.98 4.65 25.98
C LYS B 42 -6.69 5.07 24.68
N ALA B 43 -7.96 5.39 24.80
CA ALA B 43 -8.75 6.02 23.74
C ALA B 43 -8.20 7.40 23.44
N PRO B 44 -8.28 7.86 22.18
CA PRO B 44 -8.01 9.24 21.86
C PRO B 44 -8.85 10.20 22.67
N LYS B 45 -8.28 11.38 22.94
CA LYS B 45 -8.96 12.49 23.62
C LYS B 45 -9.09 13.62 22.59
N PHE B 46 -10.28 14.18 22.47
CA PHE B 46 -10.62 15.29 21.55
C PHE B 46 -10.11 16.60 22.14
N LEU B 47 -9.15 17.29 21.51
CA LEU B 47 -8.54 18.54 22.06
C LEU B 47 -9.15 19.78 21.44
N ILE B 48 -9.16 19.80 20.11
CA ILE B 48 -9.53 21.02 19.34
C ILE B 48 -10.45 20.61 18.21
N TYR B 49 -11.42 21.44 17.88
CA TYR B 49 -12.26 21.25 16.68
C TYR B 49 -12.49 22.55 15.99
N ASN B 50 -12.98 22.47 14.75
CA ASN B 50 -13.09 23.63 13.82
C ASN B 50 -11.76 24.36 13.78
N ALA B 51 -10.68 23.59 13.76
CA ALA B 51 -9.29 24.05 13.64
C ALA B 51 -8.73 24.76 14.88
N GLU B 52 -9.52 25.57 15.60
CA GLU B 52 -9.01 26.52 16.61
C GLU B 52 -9.82 26.50 17.91
N THR B 53 -10.94 25.79 17.99
CA THR B 53 -11.80 25.84 19.21
C THR B 53 -11.36 24.79 20.21
N LEU B 54 -10.99 25.19 21.41
CA LEU B 54 -10.60 24.20 22.47
C LEU B 54 -11.84 23.48 22.93
N SER B 55 -11.73 22.17 23.10
CA SER B 55 -12.79 21.35 23.71
C SER B 55 -12.79 21.62 25.24
N ASP B 56 -13.93 21.44 25.89
CA ASP B 56 -14.08 21.70 27.34
C ASP B 56 -12.97 21.01 28.15
N GLY B 57 -12.40 21.73 29.11
CA GLY B 57 -11.43 21.19 30.06
C GLY B 57 -10.03 21.07 29.48
N VAL B 58 -9.82 21.32 28.18
CA VAL B 58 -8.44 21.23 27.58
C VAL B 58 -7.67 22.47 28.00
N PRO B 59 -6.43 22.32 28.52
CA PRO B 59 -5.63 23.47 28.95
C PRO B 59 -5.39 24.50 27.84
N SER B 60 -5.33 25.77 28.23
CA SER B 60 -5.12 26.95 27.36
C SER B 60 -3.74 26.90 26.69
N ARG B 61 -2.81 26.11 27.21
CA ARG B 61 -1.48 25.99 26.56
C ARG B 61 -1.64 25.29 25.18
N PHE B 62 -2.74 24.59 24.91
CA PHE B 62 -3.02 24.03 23.56
C PHE B 62 -3.68 25.10 22.69
N ARG B 63 -3.16 25.33 21.48
CA ARG B 63 -3.78 26.26 20.51
C ARG B 63 -3.73 25.65 19.12
N GLY B 64 -4.78 25.92 18.33
CA GLY B 64 -4.82 25.46 16.94
C GLY B 64 -4.97 26.64 16.06
N SER B 65 -4.39 26.57 14.88
CA SER B 65 -4.58 27.56 13.83
C SER B 65 -4.78 26.83 12.51
N GLY B 66 -5.61 27.37 11.65
CA GLY B 66 -5.59 26.98 10.23
C GLY B 66 -6.90 27.19 9.54
N SER B 67 -6.84 27.08 8.22
CA SER B 67 -7.97 27.29 7.29
C SER B 67 -7.55 26.75 5.94
N GLY B 68 -8.45 26.13 5.19
CA GLY B 68 -8.15 25.72 3.80
C GLY B 68 -7.39 24.43 3.76
N THR B 69 -6.07 24.47 3.54
CA THR B 69 -5.24 23.24 3.53
C THR B 69 -4.18 23.25 4.62
N ASP B 70 -3.87 24.38 5.25
CA ASP B 70 -2.67 24.52 6.13
C ASP B 70 -3.12 24.69 7.59
N PHE B 71 -2.74 23.76 8.44
CA PHE B 71 -3.14 23.71 9.86
C PHE B 71 -1.93 23.41 10.73
N ALA B 72 -2.02 23.81 12.00
CA ALA B 72 -0.94 23.62 12.99
C ALA B 72 -1.56 23.56 14.37
N LEU B 73 -0.95 22.76 15.22
CA LEU B 73 -1.24 22.67 16.67
C LEU B 73 0.01 23.18 17.38
N SER B 74 -0.17 24.06 18.34
CA SER B 74 0.97 24.58 19.13
C SER B 74 0.70 24.32 20.61
N ILE B 75 1.70 23.81 21.33
CA ILE B 75 1.68 23.78 22.80
C ILE B 75 2.69 24.82 23.27
N SER B 76 2.23 25.85 23.99
CA SER B 76 3.09 27.00 24.41
C SER B 76 4.20 26.54 25.35
N SER B 77 3.95 25.56 26.23
CA SER B 77 4.91 25.17 27.30
C SER B 77 4.60 23.74 27.74
N LEU B 78 5.34 22.75 27.22
CA LEU B 78 5.00 21.34 27.45
C LEU B 78 5.02 21.03 28.94
N GLN B 79 4.04 20.31 29.42
CA GLN B 79 3.99 19.77 30.79
C GLN B 79 4.14 18.25 30.64
N PRO B 80 4.47 17.56 31.75
CA PRO B 80 4.80 16.14 31.69
C PRO B 80 3.71 15.25 31.10
N GLU B 81 2.46 15.62 31.29
CA GLU B 81 1.29 14.86 30.76
C GLU B 81 1.09 15.05 29.23
N ASP B 82 1.88 15.90 28.56
CA ASP B 82 1.70 16.25 27.13
C ASP B 82 2.48 15.31 26.21
N PHE B 83 3.41 14.51 26.75
CA PHE B 83 4.15 13.51 25.94
C PHE B 83 3.14 12.42 25.60
N ALA B 84 2.91 12.25 24.31
CA ALA B 84 1.78 11.45 23.77
C ALA B 84 1.88 11.45 22.25
N THR B 85 0.92 10.80 21.60
CA THR B 85 0.78 10.83 20.15
C THR B 85 -0.37 11.76 19.82
N TYR B 86 -0.18 12.60 18.80
CA TYR B 86 -1.19 13.58 18.34
C TYR B 86 -1.60 13.20 16.91
N TYR B 87 -2.89 13.33 16.63
CA TYR B 87 -3.46 13.11 15.29
C TYR B 87 -4.35 14.28 14.91
N CYS B 88 -4.36 14.65 13.63
CA CYS B 88 -5.38 15.54 13.08
C CYS B 88 -6.37 14.67 12.30
N GLN B 89 -7.57 15.19 12.08
CA GLN B 89 -8.63 14.52 11.29
C GLN B 89 -9.48 15.61 10.63
N HIS B 90 -9.83 15.46 9.35
CA HIS B 90 -10.74 16.40 8.67
C HIS B 90 -12.17 15.84 8.64
N PHE B 91 -13.12 16.73 8.60
CA PHE B 91 -14.56 16.45 8.51
C PHE B 91 -15.18 17.21 7.33
N MET B 92 -14.49 17.25 6.19
CA MET B 92 -14.94 18.08 5.01
C MET B 92 -15.92 17.21 4.22
N TYR B 93 -15.45 16.17 3.55
CA TYR B 93 -16.32 15.15 2.92
C TYR B 93 -15.64 13.81 3.07
N PRO B 94 -16.43 12.74 3.17
CA PRO B 94 -15.91 11.44 3.52
C PRO B 94 -15.01 10.91 2.43
N PRO B 95 -13.99 10.11 2.77
CA PRO B 95 -13.71 9.65 4.14
C PRO B 95 -13.03 10.74 4.99
N PHE B 96 -13.40 10.78 6.28
CA PHE B 96 -12.93 11.77 7.30
C PHE B 96 -11.59 11.28 7.85
N THR B 97 -10.55 11.47 7.05
CA THR B 97 -9.25 10.76 7.22
C THR B 97 -8.43 11.41 8.34
N PHE B 98 -7.57 10.62 8.95
CA PHE B 98 -6.63 11.03 10.01
C PHE B 98 -5.25 11.28 9.40
N GLY B 99 -4.50 12.23 9.92
CA GLY B 99 -3.04 12.23 9.79
C GLY B 99 -2.43 10.95 10.32
N GLN B 100 -1.19 10.70 9.98
CA GLN B 100 -0.53 9.43 10.36
C GLN B 100 0.03 9.56 11.78
N GLY B 101 -0.06 10.74 12.40
CA GLY B 101 0.25 10.91 13.83
C GLY B 101 1.65 11.50 14.04
N THR B 102 1.80 12.22 15.12
CA THR B 102 3.11 12.72 15.61
C THR B 102 3.34 12.14 17.00
N LYS B 103 4.44 11.45 17.20
CA LYS B 103 4.84 10.96 18.53
C LYS B 103 5.74 11.99 19.19
N LEU B 104 5.29 12.55 20.32
CA LEU B 104 6.01 13.61 21.06
C LEU B 104 6.63 12.92 22.29
N GLU B 105 7.95 12.74 22.26
CA GLU B 105 8.72 11.99 23.28
C GLU B 105 9.65 12.96 24.04
N ILE B 106 10.19 12.49 25.17
CA ILE B 106 11.07 13.31 26.05
C ILE B 106 12.50 13.18 25.54
N LYS B 107 13.13 14.31 25.29
CA LYS B 107 14.58 14.44 25.00
C LYS B 107 15.37 14.16 26.28
N ARG B 108 16.42 13.35 26.14
CA ARG B 108 17.47 13.14 27.17
C ARG B 108 18.79 12.91 26.44
N THR B 109 19.84 12.66 27.21
CA THR B 109 21.21 12.44 26.66
C THR B 109 21.28 10.98 26.20
N VAL B 110 22.12 10.73 25.19
CA VAL B 110 22.43 9.36 24.67
C VAL B 110 22.75 8.44 25.85
N ALA B 111 22.10 7.28 25.95
CA ALA B 111 22.40 6.23 26.94
C ALA B 111 22.58 4.91 26.19
N ALA B 112 23.66 4.18 26.48
CA ALA B 112 24.01 2.91 25.82
C ALA B 112 23.19 1.79 26.45
N PRO B 113 22.75 0.78 25.68
CA PRO B 113 22.03 -0.34 26.28
C PRO B 113 22.95 -1.16 27.21
N SER B 114 22.38 -1.74 28.26
CA SER B 114 22.91 -2.91 28.97
C SER B 114 22.36 -4.14 28.25
N VAL B 115 23.24 -4.99 27.72
CA VAL B 115 22.83 -6.15 26.90
C VAL B 115 22.87 -7.41 27.77
N PHE B 116 21.85 -8.25 27.67
CA PHE B 116 21.71 -9.55 28.36
C PHE B 116 21.23 -10.62 27.38
N ILE B 117 21.72 -11.86 27.51
CA ILE B 117 21.30 -12.98 26.62
C ILE B 117 20.81 -14.13 27.48
N PHE B 118 19.71 -14.78 27.06
CA PHE B 118 19.00 -15.83 27.80
C PHE B 118 18.89 -17.08 26.95
N PRO B 119 19.53 -18.19 27.37
CA PRO B 119 19.32 -19.49 26.74
C PRO B 119 17.88 -19.96 26.90
N PRO B 120 17.47 -20.94 26.09
CA PRO B 120 16.15 -21.53 26.28
C PRO B 120 16.12 -22.19 27.66
N SER B 121 14.95 -22.33 28.26
CA SER B 121 14.76 -23.05 29.55
C SER B 121 14.75 -24.54 29.23
N ASP B 122 15.15 -25.37 30.20
CA ASP B 122 15.01 -26.85 30.13
C ASP B 122 13.51 -27.12 29.89
N GLU B 123 12.62 -26.52 30.70
CA GLU B 123 11.15 -26.70 30.55
C GLU B 123 10.81 -26.62 29.04
N GLN B 124 11.15 -25.50 28.39
CA GLN B 124 10.71 -25.22 26.99
C GLN B 124 11.27 -26.28 26.04
N LEU B 125 12.57 -26.57 26.17
CA LEU B 125 13.26 -27.55 25.30
C LEU B 125 12.52 -28.89 25.37
N LYS B 126 12.05 -29.26 26.58
CA LYS B 126 11.13 -30.41 26.81
C LYS B 126 10.02 -30.43 25.74
N SER B 127 9.44 -29.26 25.41
CA SER B 127 8.28 -29.10 24.48
C SER B 127 8.66 -29.27 23.00
N GLY B 128 9.95 -29.16 22.62
CA GLY B 128 10.43 -29.35 21.24
C GLY B 128 10.81 -28.06 20.52
N THR B 129 10.82 -26.93 21.24
CA THR B 129 11.17 -25.59 20.69
C THR B 129 12.20 -24.89 21.58
N ALA B 130 13.02 -24.02 20.99
CA ALA B 130 14.01 -23.20 21.71
C ALA B 130 13.87 -21.71 21.36
N SER B 131 13.65 -20.91 22.38
CA SER B 131 13.61 -19.44 22.30
C SER B 131 14.88 -18.91 22.96
N VAL B 132 15.70 -18.21 22.18
CA VAL B 132 16.87 -17.47 22.74
C VAL B 132 16.46 -16.01 22.84
N VAL B 133 16.59 -15.38 24.02
CA VAL B 133 16.18 -13.96 24.23
C VAL B 133 17.41 -13.09 24.44
N CYS B 134 17.46 -11.99 23.72
CA CYS B 134 18.44 -10.90 23.86
C CYS B 134 17.70 -9.64 24.33
N LEU B 135 18.13 -9.08 25.45
CA LEU B 135 17.55 -7.85 26.05
C LEU B 135 18.56 -6.70 25.91
N LEU B 136 18.13 -5.60 25.29
CA LEU B 136 18.81 -4.28 25.30
C LEU B 136 18.04 -3.42 26.29
N ASN B 137 18.65 -3.06 27.41
CA ASN B 137 17.95 -2.43 28.53
C ASN B 137 18.33 -0.95 28.64
N ASN B 138 17.32 -0.07 28.73
CA ASN B 138 17.49 1.34 29.17
C ASN B 138 18.46 2.11 28.29
N PHE B 139 18.12 2.29 27.02
CA PHE B 139 18.97 3.03 26.06
C PHE B 139 18.18 4.24 25.57
N TYR B 140 18.88 5.15 24.91
CA TYR B 140 18.33 6.35 24.24
C TYR B 140 19.39 6.83 23.27
N PRO B 141 19.07 7.19 22.02
CA PRO B 141 17.70 7.15 21.51
C PRO B 141 17.20 5.72 21.18
N ARG B 142 15.98 5.65 20.62
CA ARG B 142 15.19 4.41 20.37
C ARG B 142 15.88 3.51 19.31
N GLU B 143 16.57 4.11 18.33
CA GLU B 143 17.23 3.40 17.19
C GLU B 143 18.38 2.53 17.73
N ALA B 144 18.35 1.25 17.36
CA ALA B 144 19.30 0.20 17.81
C ALA B 144 19.21 -0.94 16.79
N LYS B 145 20.32 -1.67 16.55
CA LYS B 145 20.34 -2.85 15.65
C LYS B 145 20.76 -4.05 16.50
N VAL B 146 20.04 -5.17 16.39
CA VAL B 146 20.40 -6.47 17.02
C VAL B 146 20.61 -7.44 15.87
N GLN B 147 21.74 -8.14 15.88
CA GLN B 147 21.98 -9.25 14.92
C GLN B 147 22.28 -10.52 15.72
N TRP B 148 21.71 -11.64 15.27
CA TRP B 148 21.89 -12.97 15.86
C TRP B 148 22.98 -13.71 15.08
N LYS B 149 23.89 -14.35 15.80
CA LYS B 149 24.93 -15.23 15.21
C LYS B 149 24.85 -16.59 15.91
N VAL B 150 24.81 -17.65 15.11
CA VAL B 150 24.79 -19.05 15.62
C VAL B 150 26.03 -19.73 15.04
N ASP B 151 26.89 -20.25 15.92
CA ASP B 151 28.28 -20.65 15.54
C ASP B 151 28.82 -19.62 14.53
N ASN B 152 28.74 -18.34 14.86
CA ASN B 152 29.33 -17.23 14.07
C ASN B 152 28.68 -17.07 12.68
N ALA B 153 27.48 -17.59 12.44
CA ALA B 153 26.76 -17.42 11.16
C ALA B 153 25.63 -16.41 11.37
N LEU B 154 25.52 -15.35 10.55
CA LEU B 154 24.45 -14.32 10.66
C LEU B 154 23.11 -15.02 10.40
N GLN B 155 22.14 -14.84 11.28
CA GLN B 155 20.77 -15.41 11.13
C GLN B 155 19.88 -14.35 10.47
N SER B 156 18.94 -14.73 9.59
CA SER B 156 17.79 -13.85 9.22
C SER B 156 16.52 -14.69 9.12
N GLY B 157 15.39 -14.03 9.40
CA GLY B 157 14.02 -14.54 9.25
C GLY B 157 13.57 -15.39 10.41
N ASN B 158 14.39 -15.55 11.45
CA ASN B 158 14.04 -16.45 12.59
C ASN B 158 14.05 -15.65 13.90
N SER B 159 13.99 -14.31 13.84
CA SER B 159 13.94 -13.44 15.04
C SER B 159 12.77 -12.43 14.98
N GLN B 160 12.18 -12.14 16.13
CA GLN B 160 11.14 -11.09 16.25
C GLN B 160 11.58 -10.19 17.41
N GLU B 161 11.30 -8.89 17.31
CA GLU B 161 11.66 -7.97 18.40
C GLU B 161 10.48 -7.06 18.69
N SER B 162 10.46 -6.54 19.90
CA SER B 162 9.62 -5.39 20.21
C SER B 162 10.32 -4.48 21.23
N VAL B 163 9.78 -3.27 21.31
CA VAL B 163 10.39 -2.15 22.03
C VAL B 163 9.32 -1.64 22.99
N THR B 164 9.71 -1.30 24.22
CA THR B 164 8.77 -0.71 25.20
C THR B 164 8.51 0.75 24.81
N GLU B 165 7.47 1.35 25.38
CA GLU B 165 7.30 2.82 25.37
C GLU B 165 8.41 3.45 26.23
N GLN B 166 8.70 4.72 26.03
CA GLN B 166 9.64 5.50 26.85
C GLN B 166 9.28 5.34 28.33
N ASP B 167 10.25 4.99 29.16
CA ASP B 167 10.05 4.80 30.62
C ASP B 167 9.69 6.15 31.26
N SER B 168 8.66 6.18 32.12
CA SER B 168 8.29 7.35 32.96
C SER B 168 9.57 7.93 33.61
N LYS B 169 10.25 7.08 34.39
CA LYS B 169 11.40 7.41 35.29
C LYS B 169 12.59 8.02 34.54
N ASP B 170 13.23 7.30 33.61
CA ASP B 170 14.56 7.72 33.06
C ASP B 170 14.48 8.06 31.57
N SER B 171 13.29 7.97 30.95
CA SER B 171 13.01 8.35 29.54
C SER B 171 13.78 7.46 28.54
N THR B 172 14.06 6.23 28.93
CA THR B 172 14.79 5.28 28.06
C THR B 172 13.79 4.29 27.45
N TYR B 173 14.30 3.56 26.47
CA TYR B 173 13.65 2.44 25.76
C TYR B 173 14.36 1.17 26.20
N SER B 174 13.64 0.06 26.16
CA SER B 174 14.22 -1.30 26.17
C SER B 174 13.71 -2.09 24.97
N LEU B 175 14.41 -3.17 24.59
CA LEU B 175 14.14 -3.97 23.37
C LEU B 175 14.43 -5.44 23.63
N SER B 176 13.48 -6.31 23.32
CA SER B 176 13.57 -7.79 23.38
C SER B 176 13.71 -8.26 21.93
N SER B 177 14.73 -9.07 21.66
CA SER B 177 14.90 -9.83 20.39
C SER B 177 14.79 -11.31 20.74
N THR B 178 13.91 -12.04 20.06
CA THR B 178 13.64 -13.47 20.31
C THR B 178 14.02 -14.26 19.06
N LEU B 179 15.00 -15.16 19.18
CA LEU B 179 15.41 -16.09 18.11
C LEU B 179 14.71 -17.43 18.38
N THR B 180 14.00 -17.98 17.39
CA THR B 180 13.27 -19.25 17.54
C THR B 180 13.82 -20.32 16.60
N LEU B 181 14.12 -21.48 17.18
CA LEU B 181 14.66 -22.67 16.48
C LEU B 181 13.92 -23.88 17.02
N SER B 182 13.85 -24.99 16.25
CA SER B 182 13.46 -26.34 16.77
C SER B 182 14.47 -26.81 17.83
N LYS B 183 14.04 -27.72 18.71
CA LYS B 183 14.94 -28.36 19.73
C LYS B 183 16.14 -28.92 18.97
N ALA B 184 15.87 -29.49 17.79
CA ALA B 184 16.85 -30.22 16.94
C ALA B 184 17.83 -29.25 16.25
N ASP B 185 17.38 -28.14 15.66
CA ASP B 185 18.32 -27.12 15.08
C ASP B 185 19.15 -26.51 16.23
N TYR B 186 18.53 -26.26 17.40
CA TYR B 186 19.24 -25.70 18.59
C TYR B 186 20.42 -26.61 18.96
N GLU B 187 20.21 -27.93 18.98
CA GLU B 187 21.21 -28.90 19.52
C GLU B 187 22.30 -29.15 18.45
N LYS B 188 22.11 -28.70 17.21
CA LYS B 188 23.13 -28.83 16.15
C LYS B 188 24.20 -27.73 16.33
N HIS B 189 24.11 -26.82 17.31
CA HIS B 189 25.02 -25.63 17.37
C HIS B 189 25.47 -25.38 18.80
N LYS B 190 26.66 -24.77 18.97
CA LYS B 190 27.28 -24.53 20.29
C LYS B 190 27.12 -23.06 20.66
N VAL B 191 27.49 -22.13 19.77
CA VAL B 191 27.63 -20.71 20.19
C VAL B 191 26.44 -19.90 19.65
N TYR B 192 25.74 -19.25 20.58
CA TYR B 192 24.56 -18.37 20.31
C TYR B 192 24.92 -16.97 20.74
N ALA B 193 24.93 -16.02 19.82
CA ALA B 193 25.44 -14.66 20.09
C ALA B 193 24.43 -13.61 19.59
N CYS B 194 24.28 -12.57 20.40
CA CYS B 194 23.48 -11.34 20.19
C CYS B 194 24.49 -10.21 20.06
N GLU B 195 24.53 -9.56 18.90
CA GLU B 195 25.44 -8.42 18.61
C GLU B 195 24.61 -7.14 18.47
N VAL B 196 24.90 -6.15 19.33
CA VAL B 196 24.10 -4.91 19.49
C VAL B 196 24.88 -3.69 18.96
N THR B 197 24.22 -2.91 18.11
CA THR B 197 24.74 -1.65 17.52
C THR B 197 23.84 -0.51 18.01
N HIS B 198 24.45 0.54 18.54
CA HIS B 198 23.72 1.70 19.13
C HIS B 198 24.66 2.91 19.19
N GLN B 199 24.12 4.09 18.90
CA GLN B 199 24.82 5.40 19.01
C GLN B 199 25.70 5.49 20.26
N GLY B 200 25.27 5.01 21.44
CA GLY B 200 26.01 5.22 22.71
C GLY B 200 27.09 4.17 22.98
N LEU B 201 27.41 3.33 21.99
CA LEU B 201 28.51 2.33 22.08
C LEU B 201 29.59 2.71 21.06
N SER B 202 30.86 2.72 21.48
CA SER B 202 32.07 2.91 20.63
C SER B 202 32.08 1.84 19.52
N SER B 203 31.92 0.58 19.94
CA SER B 203 32.06 -0.68 19.14
C SER B 203 30.82 -1.54 19.39
N PRO B 204 30.30 -2.30 18.38
CA PRO B 204 29.20 -3.24 18.64
C PRO B 204 29.50 -4.16 19.82
N VAL B 205 28.53 -4.40 20.71
CA VAL B 205 28.65 -5.29 21.91
C VAL B 205 28.03 -6.65 21.58
N THR B 206 28.70 -7.74 21.98
CA THR B 206 28.23 -9.13 21.78
C THR B 206 28.05 -9.78 23.15
N LYS B 207 26.90 -10.37 23.40
CA LYS B 207 26.72 -11.30 24.53
C LYS B 207 26.48 -12.65 23.89
N SER B 208 27.05 -13.71 24.46
CA SER B 208 26.94 -15.05 23.86
C SER B 208 27.06 -16.08 24.97
N PHE B 209 26.64 -17.30 24.68
CA PHE B 209 26.74 -18.47 25.57
C PHE B 209 27.03 -19.69 24.69
N ASN B 210 27.66 -20.70 25.29
CA ASN B 210 27.79 -22.07 24.72
C ASN B 210 26.66 -22.93 25.27
N ARG B 211 25.91 -23.60 24.40
CA ARG B 211 24.86 -24.55 24.81
C ARG B 211 25.48 -25.48 25.86
N GLY B 212 24.94 -25.52 27.09
CA GLY B 212 25.47 -26.31 28.23
C GLY B 212 26.79 -25.79 28.76
N GLU C 1 4.76 -26.94 -26.62
CA GLU C 1 5.33 -25.67 -26.14
C GLU C 1 5.27 -25.65 -24.59
N VAL C 2 6.13 -24.85 -23.97
CA VAL C 2 6.02 -24.43 -22.55
C VAL C 2 4.90 -23.39 -22.44
N GLN C 3 4.12 -23.49 -21.37
CA GLN C 3 3.10 -22.50 -20.96
C GLN C 3 3.28 -22.20 -19.46
N LEU C 4 3.28 -20.92 -19.10
CA LEU C 4 3.07 -20.48 -17.69
C LEU C 4 1.71 -19.78 -17.68
N LEU C 5 0.73 -20.38 -17.00
CA LEU C 5 -0.68 -19.92 -17.08
C LEU C 5 -1.04 -19.31 -15.72
N GLU C 6 -1.18 -18.01 -15.70
CA GLU C 6 -1.46 -17.25 -14.47
C GLU C 6 -2.96 -17.20 -14.22
N SER C 7 -3.33 -17.17 -12.96
CA SER C 7 -4.72 -16.95 -12.51
C SER C 7 -4.70 -16.30 -11.13
N GLY C 8 -5.85 -15.83 -10.68
CA GLY C 8 -5.98 -15.33 -9.30
C GLY C 8 -5.92 -13.82 -9.21
N GLY C 9 -5.80 -13.09 -10.32
CA GLY C 9 -5.80 -11.61 -10.26
C GLY C 9 -7.18 -11.05 -9.99
N GLY C 10 -7.26 -9.75 -9.74
CA GLY C 10 -8.54 -9.07 -9.55
C GLY C 10 -8.43 -7.91 -8.60
N LEU C 11 -9.54 -7.55 -8.00
CA LEU C 11 -9.70 -6.32 -7.21
C LEU C 11 -9.59 -6.64 -5.72
N VAL C 12 -8.76 -5.90 -5.01
CA VAL C 12 -8.51 -6.06 -3.54
C VAL C 12 -8.71 -4.70 -2.90
N GLN C 13 -9.27 -4.70 -1.68
CA GLN C 13 -9.34 -3.48 -0.84
C GLN C 13 -7.95 -3.23 -0.26
N PRO C 14 -7.55 -1.97 -0.08
CA PRO C 14 -6.31 -1.69 0.67
C PRO C 14 -6.35 -2.42 2.04
N GLY C 15 -5.23 -3.07 2.42
CA GLY C 15 -5.10 -3.88 3.63
C GLY C 15 -5.40 -5.36 3.39
N GLY C 16 -5.98 -5.68 2.22
CA GLY C 16 -6.46 -7.01 1.85
C GLY C 16 -5.36 -7.92 1.29
N SER C 17 -5.69 -9.19 1.11
CA SER C 17 -4.75 -10.25 0.65
C SER C 17 -5.24 -10.76 -0.69
N LEU C 18 -4.32 -11.31 -1.45
CA LEU C 18 -4.66 -12.01 -2.71
C LEU C 18 -3.58 -13.05 -2.98
N ARG C 19 -3.96 -14.21 -3.49
CA ARG C 19 -3.00 -15.23 -3.98
C ARG C 19 -3.00 -15.26 -5.51
N LEU C 20 -1.83 -15.14 -6.14
CA LEU C 20 -1.68 -15.46 -7.59
C LEU C 20 -1.17 -16.89 -7.72
N SER C 21 -1.57 -17.55 -8.81
CA SER C 21 -1.07 -18.88 -9.21
C SER C 21 -0.42 -18.76 -10.58
N CYS C 22 0.55 -19.61 -10.82
CA CYS C 22 1.24 -19.69 -12.11
C CYS C 22 1.48 -21.17 -12.37
N ALA C 23 0.68 -21.79 -13.22
CA ALA C 23 0.72 -23.24 -13.53
C ALA C 23 1.59 -23.47 -14.76
N ALA C 24 2.65 -24.25 -14.58
CA ALA C 24 3.72 -24.49 -15.58
C ALA C 24 3.46 -25.83 -16.24
N SER C 25 3.73 -25.92 -17.55
CA SER C 25 3.67 -27.20 -18.29
C SER C 25 4.73 -27.19 -19.37
N GLY C 26 5.20 -28.38 -19.75
CA GLY C 26 6.03 -28.56 -20.96
C GLY C 26 7.52 -28.58 -20.65
N TYR C 27 7.93 -28.52 -19.38
CA TYR C 27 9.38 -28.60 -19.02
C TYR C 27 9.52 -29.10 -17.59
N THR C 28 10.76 -29.42 -17.22
CA THR C 28 11.10 -29.89 -15.86
C THR C 28 11.10 -28.70 -14.89
N PHE C 29 10.06 -28.64 -14.07
CA PHE C 29 9.67 -27.49 -13.23
C PHE C 29 10.84 -27.15 -12.30
N THR C 30 11.62 -28.13 -11.84
CA THR C 30 12.72 -27.91 -10.86
C THR C 30 13.99 -27.37 -11.55
N ASN C 31 14.02 -27.25 -12.87
CA ASN C 31 15.27 -26.86 -13.59
C ASN C 31 15.70 -25.43 -13.27
N TYR C 32 14.78 -24.49 -13.10
CA TYR C 32 15.19 -23.07 -12.99
C TYR C 32 14.48 -22.38 -11.84
N TRP C 33 15.11 -21.34 -11.30
CA TRP C 33 14.44 -20.38 -10.39
C TRP C 33 13.19 -19.82 -11.08
N MET C 34 12.17 -19.54 -10.28
CA MET C 34 10.92 -18.95 -10.79
C MET C 34 10.73 -17.61 -10.07
N HIS C 35 10.36 -16.59 -10.82
CA HIS C 35 10.33 -15.20 -10.32
C HIS C 35 8.92 -14.65 -10.43
N TRP C 36 8.62 -13.66 -9.61
CA TRP C 36 7.46 -12.77 -9.81
C TRP C 36 8.01 -11.37 -10.10
N VAL C 37 7.45 -10.76 -11.13
CA VAL C 37 7.79 -9.40 -11.63
C VAL C 37 6.47 -8.68 -11.83
N ARG C 38 6.42 -7.38 -11.55
CA ARG C 38 5.17 -6.62 -11.75
C ARG C 38 5.45 -5.34 -12.54
N GLN C 39 4.38 -4.78 -13.09
CA GLN C 39 4.46 -3.53 -13.85
C GLN C 39 3.21 -2.70 -13.56
N ALA C 40 3.42 -1.57 -12.92
CA ALA C 40 2.36 -0.57 -12.68
C ALA C 40 2.00 0.04 -14.02
N PRO C 41 0.72 0.44 -14.23
CA PRO C 41 0.30 0.93 -15.51
C PRO C 41 1.20 2.09 -15.96
N GLY C 42 1.69 1.99 -17.18
CA GLY C 42 2.53 3.00 -17.84
C GLY C 42 3.91 3.08 -17.23
N LYS C 43 4.31 2.15 -16.34
CA LYS C 43 5.68 2.19 -15.70
C LYS C 43 6.51 0.97 -16.12
N GLY C 44 7.68 0.82 -15.50
CA GLY C 44 8.70 -0.17 -15.83
C GLY C 44 8.51 -1.46 -15.05
N LEU C 45 9.36 -2.45 -15.31
CA LEU C 45 9.28 -3.78 -14.68
C LEU C 45 9.95 -3.65 -13.32
N GLU C 46 9.41 -4.32 -12.31
CA GLU C 46 9.95 -4.32 -10.93
C GLU C 46 9.99 -5.75 -10.44
N TRP C 47 11.14 -6.19 -9.93
CA TRP C 47 11.32 -7.57 -9.45
C TRP C 47 10.67 -7.67 -8.07
N VAL C 48 9.92 -8.75 -7.82
CA VAL C 48 9.17 -8.94 -6.55
C VAL C 48 9.87 -9.99 -5.66
N SER C 49 10.02 -11.22 -6.12
CA SER C 49 10.53 -12.39 -5.36
C SER C 49 10.96 -13.51 -6.32
N ASN C 50 11.69 -14.49 -5.79
CA ASN C 50 11.98 -15.72 -6.52
C ASN C 50 12.06 -16.87 -5.52
N ILE C 51 11.88 -18.05 -6.06
CA ILE C 51 12.03 -19.33 -5.32
C ILE C 51 12.90 -20.25 -6.20
N ASP C 52 13.63 -21.13 -5.56
CA ASP C 52 14.25 -22.31 -6.18
C ASP C 52 13.29 -23.47 -5.95
N PRO C 53 12.61 -23.99 -7.00
CA PRO C 53 11.65 -25.08 -6.83
C PRO C 53 12.26 -26.44 -6.47
N SER C 54 13.58 -26.60 -6.51
CA SER C 54 14.23 -27.87 -6.11
C SER C 54 14.44 -27.89 -4.59
N ASN C 55 14.71 -26.76 -3.93
CA ASN C 55 15.11 -26.75 -2.49
C ASN C 55 14.25 -25.77 -1.67
N GLY C 56 13.37 -24.98 -2.29
CA GLY C 56 12.46 -24.07 -1.58
C GLY C 56 13.09 -22.76 -1.16
N GLY C 57 14.39 -22.54 -1.40
CA GLY C 57 15.03 -21.25 -1.05
C GLY C 57 14.32 -20.08 -1.74
N THR C 58 14.15 -18.97 -1.06
CA THR C 58 13.38 -17.79 -1.51
C THR C 58 14.18 -16.50 -1.29
N ASN C 59 13.90 -15.51 -2.13
CA ASN C 59 14.39 -14.13 -2.00
C ASN C 59 13.21 -13.19 -2.17
N TYR C 60 13.23 -12.05 -1.46
CA TYR C 60 12.21 -10.99 -1.57
C TYR C 60 12.91 -9.67 -1.78
N ASN C 61 12.29 -8.81 -2.57
CA ASN C 61 12.57 -7.36 -2.55
C ASN C 61 12.18 -6.84 -1.15
N GLU C 62 13.06 -6.10 -0.45
CA GLU C 62 12.87 -5.59 0.94
C GLU C 62 11.53 -4.82 1.07
N LYS C 63 10.95 -4.30 -0.02
CA LYS C 63 9.59 -3.67 0.02
C LYS C 63 8.48 -4.72 0.23
N PHE C 64 8.70 -6.00 -0.06
CA PHE C 64 7.64 -7.04 0.04
C PHE C 64 7.96 -8.04 1.16
N LYS C 65 9.12 -7.92 1.83
CA LYS C 65 9.64 -8.98 2.72
C LYS C 65 8.63 -9.26 3.86
N SER C 66 7.96 -8.28 4.45
CA SER C 66 7.10 -8.62 5.63
C SER C 66 5.74 -9.18 5.17
N ARG C 67 5.33 -8.92 3.92
CA ARG C 67 3.90 -9.01 3.52
C ARG C 67 3.67 -10.13 2.52
N PHE C 68 4.66 -10.46 1.68
CA PHE C 68 4.50 -11.42 0.56
C PHE C 68 5.16 -12.73 0.94
N THR C 69 4.58 -13.83 0.48
CA THR C 69 5.19 -15.17 0.56
C THR C 69 5.14 -15.82 -0.81
N ILE C 70 6.30 -16.22 -1.33
CA ILE C 70 6.40 -17.01 -2.57
C ILE C 70 6.47 -18.48 -2.15
N SER C 71 5.78 -19.36 -2.87
CA SER C 71 5.84 -20.82 -2.58
C SER C 71 5.58 -21.57 -3.87
N ARG C 72 5.81 -22.87 -3.87
CA ARG C 72 5.53 -23.72 -5.02
C ARG C 72 4.98 -25.05 -4.54
N ASP C 73 4.27 -25.73 -5.42
CA ASP C 73 3.85 -27.14 -5.21
C ASP C 73 4.39 -27.94 -6.39
N ASN C 74 5.52 -28.64 -6.23
CA ASN C 74 6.14 -29.46 -7.30
C ASN C 74 5.09 -30.45 -7.84
N SER C 75 4.21 -30.97 -6.99
CA SER C 75 3.28 -32.07 -7.36
C SER C 75 2.30 -31.54 -8.42
N LYS C 76 2.11 -30.21 -8.50
CA LYS C 76 1.18 -29.57 -9.45
C LYS C 76 1.96 -28.69 -10.45
N ASN C 77 3.29 -28.62 -10.37
CA ASN C 77 4.08 -27.71 -11.24
C ASN C 77 3.50 -26.30 -11.15
N THR C 78 3.13 -25.87 -9.94
CA THR C 78 2.47 -24.55 -9.73
C THR C 78 3.28 -23.69 -8.76
N LEU C 79 3.47 -22.42 -9.16
CA LEU C 79 4.11 -21.36 -8.37
C LEU C 79 3.00 -20.43 -7.83
N TYR C 80 3.17 -19.96 -6.60
CA TYR C 80 2.22 -19.05 -5.92
C TYR C 80 2.92 -17.77 -5.47
N LEU C 81 2.14 -16.69 -5.40
CA LEU C 81 2.52 -15.50 -4.63
C LEU C 81 1.32 -15.16 -3.77
N GLN C 82 1.49 -15.27 -2.45
CA GLN C 82 0.52 -14.79 -1.42
C GLN C 82 0.88 -13.36 -1.07
N MET C 83 0.01 -12.41 -1.39
CA MET C 83 0.24 -11.00 -1.07
C MET C 83 -0.69 -10.60 0.08
N ASN C 84 -0.16 -9.96 1.10
CA ASN C 84 -0.95 -9.49 2.27
C ASN C 84 -0.70 -8.00 2.44
N SER C 85 -1.59 -7.32 3.17
CA SER C 85 -1.49 -5.89 3.49
C SER C 85 -1.21 -5.10 2.21
N LEU C 86 -1.99 -5.36 1.16
CA LEU C 86 -1.80 -4.65 -0.12
C LEU C 86 -2.17 -3.19 0.04
N ARG C 87 -1.50 -2.36 -0.75
CA ARG C 87 -1.66 -0.91 -0.77
C ARG C 87 -2.01 -0.50 -2.19
N ALA C 88 -2.52 0.72 -2.36
CA ALA C 88 -2.91 1.25 -3.68
C ALA C 88 -1.73 1.18 -4.66
N GLU C 89 -0.51 1.40 -4.15
CA GLU C 89 0.73 1.45 -4.96
C GLU C 89 1.12 0.05 -5.44
N ASP C 90 0.47 -1.00 -4.97
CA ASP C 90 0.69 -2.41 -5.42
C ASP C 90 -0.18 -2.75 -6.65
N THR C 91 -1.01 -1.82 -7.12
CA THR C 91 -1.77 -1.97 -8.37
C THR C 91 -0.78 -2.20 -9.51
N ALA C 92 -0.89 -3.33 -10.22
CA ALA C 92 0.04 -3.63 -11.33
C ALA C 92 -0.40 -4.93 -12.01
N VAL C 93 0.15 -5.16 -13.19
CA VAL C 93 0.13 -6.49 -13.83
C VAL C 93 1.28 -7.29 -13.24
N TYR C 94 0.96 -8.46 -12.67
CA TYR C 94 1.89 -9.42 -12.05
C TYR C 94 2.15 -10.54 -13.06
N TYR C 95 3.44 -10.78 -13.32
CA TYR C 95 3.96 -11.81 -14.22
C TYR C 95 4.76 -12.85 -13.42
N CYS C 96 4.62 -14.12 -13.78
CA CYS C 96 5.57 -15.16 -13.35
C CYS C 96 6.55 -15.38 -14.51
N ALA C 97 7.79 -15.71 -14.19
CA ALA C 97 8.81 -15.94 -15.23
C ALA C 97 9.78 -17.00 -14.69
N SER C 98 10.30 -17.81 -15.60
CA SER C 98 11.34 -18.80 -15.30
C SER C 98 12.14 -19.01 -16.58
N PHE C 99 13.37 -18.49 -16.58
CA PHE C 99 14.30 -18.58 -17.74
C PHE C 99 13.59 -17.90 -18.93
N ALA C 100 13.32 -18.63 -20.01
CA ALA C 100 12.76 -18.07 -21.26
C ALA C 100 11.23 -18.02 -21.18
N TYR C 101 10.61 -18.48 -20.09
CA TYR C 101 9.14 -18.74 -20.03
C TYR C 101 8.50 -17.65 -19.17
N TRP C 102 7.52 -16.94 -19.74
CA TRP C 102 6.77 -15.84 -19.07
C TRP C 102 5.28 -16.14 -19.08
N GLY C 103 4.60 -15.96 -17.95
CA GLY C 103 3.13 -15.98 -17.94
C GLY C 103 2.55 -14.78 -18.72
N GLN C 104 1.24 -14.75 -18.90
CA GLN C 104 0.54 -13.76 -19.76
C GLN C 104 0.32 -12.48 -18.92
N GLY C 105 0.59 -12.53 -17.61
CA GLY C 105 0.29 -11.39 -16.73
C GLY C 105 -1.13 -11.46 -16.19
N THR C 106 -1.35 -11.01 -14.96
CA THR C 106 -2.71 -10.87 -14.39
C THR C 106 -2.76 -9.52 -13.69
N LEU C 107 -3.85 -8.76 -13.92
CA LEU C 107 -4.00 -7.43 -13.31
C LEU C 107 -4.48 -7.57 -11.86
N VAL C 108 -3.78 -6.91 -10.96
CA VAL C 108 -4.17 -6.78 -9.53
C VAL C 108 -4.45 -5.31 -9.29
N THR C 109 -5.70 -4.98 -8.96
CA THR C 109 -6.07 -3.60 -8.61
C THR C 109 -6.31 -3.53 -7.10
N VAL C 110 -5.71 -2.55 -6.46
CA VAL C 110 -5.82 -2.32 -4.99
C VAL C 110 -6.39 -0.92 -4.79
N SER C 111 -7.65 -0.87 -4.39
CA SER C 111 -8.41 0.38 -4.32
C SER C 111 -9.63 0.18 -3.41
N SER C 112 -10.08 1.26 -2.80
CA SER C 112 -11.35 1.26 -2.04
C SER C 112 -12.54 1.47 -2.99
N ALA C 113 -12.34 1.86 -4.24
CA ALA C 113 -13.47 2.10 -5.19
C ALA C 113 -14.26 0.81 -5.41
N SER C 114 -15.58 0.92 -5.51
CA SER C 114 -16.50 -0.22 -5.81
C SER C 114 -16.50 -0.48 -7.31
N THR C 115 -16.65 -1.75 -7.67
CA THR C 115 -16.86 -2.19 -9.07
C THR C 115 -18.04 -1.39 -9.62
N LYS C 116 -17.90 -0.83 -10.83
CA LYS C 116 -18.88 0.12 -11.42
C LYS C 116 -18.79 0.01 -12.95
N GLY C 117 -19.93 -0.14 -13.61
CA GLY C 117 -19.93 -0.20 -15.08
C GLY C 117 -19.83 1.20 -15.67
N PRO C 118 -19.34 1.37 -16.91
CA PRO C 118 -19.17 2.70 -17.50
C PRO C 118 -20.51 3.31 -17.94
N SER C 119 -20.57 4.62 -17.94
CA SER C 119 -21.48 5.39 -18.82
C SER C 119 -20.76 5.58 -20.15
N VAL C 120 -21.49 5.48 -21.25
CA VAL C 120 -20.92 5.67 -22.61
C VAL C 120 -21.65 6.85 -23.25
N PHE C 121 -20.92 7.94 -23.44
CA PHE C 121 -21.40 9.20 -24.02
C PHE C 121 -20.87 9.33 -25.45
N PRO C 122 -21.70 9.85 -26.37
CA PRO C 122 -21.23 10.14 -27.71
C PRO C 122 -20.28 11.35 -27.80
N LEU C 123 -19.28 11.23 -28.67
CA LEU C 123 -18.49 12.35 -29.22
C LEU C 123 -19.00 12.54 -30.65
N ALA C 124 -20.06 13.35 -30.82
CA ALA C 124 -20.83 13.44 -32.07
C ALA C 124 -20.00 14.14 -33.13
N PRO C 125 -20.05 13.68 -34.38
CA PRO C 125 -19.38 14.39 -35.47
C PRO C 125 -20.03 15.79 -35.60
N SER C 126 -19.19 16.81 -35.79
CA SER C 126 -19.51 18.24 -35.54
C SER C 126 -20.28 18.82 -36.74
N GLY C 133 -13.22 16.16 -46.29
CA GLY C 133 -14.34 15.20 -46.39
C GLY C 133 -14.24 14.15 -45.28
N THR C 134 -13.62 14.47 -44.14
CA THR C 134 -13.41 13.52 -43.00
C THR C 134 -14.01 14.06 -41.71
N ALA C 135 -14.76 13.20 -41.00
CA ALA C 135 -15.37 13.56 -39.70
C ALA C 135 -14.78 12.62 -38.64
N ALA C 136 -14.48 13.19 -37.49
CA ALA C 136 -14.03 12.44 -36.29
C ALA C 136 -15.26 12.30 -35.41
N LEU C 137 -15.44 11.13 -34.84
CA LEU C 137 -16.54 10.86 -33.88
C LEU C 137 -16.00 9.83 -32.90
N GLY C 138 -16.68 9.60 -31.79
CA GLY C 138 -16.14 8.68 -30.79
C GLY C 138 -17.10 8.46 -29.66
N CYS C 139 -16.62 7.71 -28.68
CA CYS C 139 -17.34 7.34 -27.45
C CYS C 139 -16.48 7.73 -26.29
N LEU C 140 -17.08 8.36 -25.29
CA LEU C 140 -16.42 8.65 -24.02
C LEU C 140 -16.93 7.61 -23.02
N VAL C 141 -16.01 6.79 -22.52
CA VAL C 141 -16.34 5.62 -21.67
C VAL C 141 -15.93 6.03 -20.26
N LYS C 142 -16.91 6.53 -19.52
CA LYS C 142 -16.65 7.31 -18.30
C LYS C 142 -17.05 6.53 -17.03
N ASP C 143 -16.20 6.65 -16.01
CA ASP C 143 -16.56 6.35 -14.59
C ASP C 143 -16.81 4.86 -14.40
N TYR C 144 -15.90 4.02 -14.86
CA TYR C 144 -15.95 2.58 -14.62
C TYR C 144 -14.81 2.23 -13.66
N PHE C 145 -14.93 1.04 -13.09
CA PHE C 145 -13.94 0.54 -12.11
C PHE C 145 -14.10 -0.95 -11.95
N PRO C 146 -13.03 -1.78 -11.88
CA PRO C 146 -11.65 -1.41 -12.19
C PRO C 146 -11.40 -1.52 -13.70
N GLU C 147 -10.13 -1.37 -14.12
CA GLU C 147 -9.73 -1.79 -15.50
C GLU C 147 -9.96 -3.28 -15.65
N PRO C 148 -10.05 -3.84 -16.89
CA PRO C 148 -10.09 -3.08 -18.12
C PRO C 148 -11.48 -2.99 -18.77
N VAL C 149 -11.58 -2.24 -19.85
CA VAL C 149 -12.72 -2.25 -20.79
C VAL C 149 -12.12 -2.63 -22.15
N THR C 150 -12.94 -3.22 -22.99
CA THR C 150 -12.66 -3.38 -24.45
C THR C 150 -13.65 -2.50 -25.22
N VAL C 151 -13.17 -1.91 -26.32
CA VAL C 151 -14.01 -1.09 -27.22
C VAL C 151 -13.79 -1.63 -28.63
N SER C 152 -14.85 -1.94 -29.35
CA SER C 152 -14.78 -2.11 -30.81
C SER C 152 -15.78 -1.14 -31.46
N TRP C 153 -15.71 -1.03 -32.76
CA TRP C 153 -16.64 -0.20 -33.55
C TRP C 153 -17.35 -1.11 -34.54
N ASN C 154 -18.66 -0.95 -34.60
CA ASN C 154 -19.51 -1.69 -35.57
C ASN C 154 -19.23 -3.18 -35.47
N SER C 155 -19.19 -3.70 -34.24
CA SER C 155 -19.06 -5.13 -33.91
C SER C 155 -17.80 -5.69 -34.55
N GLY C 156 -16.76 -4.87 -34.68
CA GLY C 156 -15.43 -5.32 -35.13
C GLY C 156 -15.28 -5.12 -36.62
N ALA C 157 -16.31 -4.67 -37.31
CA ALA C 157 -16.28 -4.43 -38.77
C ALA C 157 -15.51 -3.14 -39.07
N LEU C 158 -15.41 -2.20 -38.14
CA LEU C 158 -14.69 -0.91 -38.40
C LEU C 158 -13.39 -0.88 -37.58
N THR C 159 -12.23 -0.93 -38.23
CA THR C 159 -10.91 -0.97 -37.53
C THR C 159 -10.02 0.16 -38.03
N SER C 160 -10.15 0.57 -39.29
CA SER C 160 -9.33 1.62 -39.93
C SER C 160 -9.64 2.95 -39.27
N GLY C 161 -8.61 3.64 -38.81
CA GLY C 161 -8.70 5.00 -38.29
C GLY C 161 -9.23 5.02 -36.86
N VAL C 162 -9.31 3.88 -36.18
CA VAL C 162 -9.77 3.82 -34.77
C VAL C 162 -8.61 4.09 -33.84
N HIS C 163 -8.77 4.98 -32.87
CA HIS C 163 -7.78 5.19 -31.79
C HIS C 163 -8.49 5.03 -30.45
N THR C 164 -8.16 4.00 -29.70
CA THR C 164 -8.72 3.82 -28.34
C THR C 164 -7.62 4.22 -27.36
N PHE C 165 -7.83 5.28 -26.60
CA PHE C 165 -6.82 5.88 -25.71
C PHE C 165 -6.66 5.06 -24.46
N PRO C 166 -5.47 5.04 -23.85
CA PRO C 166 -5.30 4.46 -22.52
C PRO C 166 -6.21 5.21 -21.55
N ALA C 167 -6.78 4.48 -20.60
CA ALA C 167 -7.62 5.04 -19.52
C ALA C 167 -6.80 6.00 -18.66
N VAL C 168 -7.44 7.00 -18.07
CA VAL C 168 -6.89 7.82 -16.97
C VAL C 168 -7.64 7.46 -15.71
N LEU C 169 -6.90 7.37 -14.61
CA LEU C 169 -7.51 7.25 -13.27
C LEU C 169 -7.92 8.65 -12.84
N GLN C 170 -9.21 8.88 -12.64
CA GLN C 170 -9.69 10.21 -12.25
C GLN C 170 -9.46 10.37 -10.74
N SER C 171 -9.55 11.59 -10.21
CA SER C 171 -9.42 11.89 -8.75
C SER C 171 -10.56 11.26 -7.97
N SER C 172 -11.67 10.89 -8.63
CA SER C 172 -12.79 10.16 -7.99
C SER C 172 -12.42 8.71 -7.71
N GLY C 173 -11.31 8.21 -8.24
CA GLY C 173 -10.96 6.78 -8.11
C GLY C 173 -11.49 5.93 -9.28
N LEU C 174 -12.22 6.52 -10.23
CA LEU C 174 -12.81 5.78 -11.37
C LEU C 174 -11.99 6.08 -12.62
N TYR C 175 -12.05 5.18 -13.58
CA TYR C 175 -11.34 5.32 -14.87
C TYR C 175 -12.25 5.96 -15.92
N SER C 176 -11.60 6.57 -16.89
CA SER C 176 -12.24 7.15 -18.09
C SER C 176 -11.35 6.97 -19.31
N LEU C 177 -11.94 6.62 -20.43
CA LEU C 177 -11.18 6.65 -21.71
C LEU C 177 -12.13 7.06 -22.81
N SER C 178 -11.53 7.50 -23.90
CA SER C 178 -12.25 7.78 -25.14
C SER C 178 -11.72 6.85 -26.23
N SER C 179 -12.61 6.56 -27.16
CA SER C 179 -12.33 5.84 -28.41
C SER C 179 -12.86 6.71 -29.54
N VAL C 180 -12.04 6.96 -30.56
CA VAL C 180 -12.41 7.83 -31.70
C VAL C 180 -12.15 7.08 -33.01
N VAL C 181 -12.84 7.52 -34.03
CA VAL C 181 -12.59 7.04 -35.41
C VAL C 181 -12.86 8.22 -36.35
N THR C 182 -12.15 8.25 -37.47
CA THR C 182 -12.38 9.19 -38.59
C THR C 182 -13.04 8.40 -39.72
N VAL C 183 -14.08 8.99 -40.29
CA VAL C 183 -14.91 8.32 -41.32
C VAL C 183 -15.20 9.37 -42.38
N PRO C 184 -15.64 8.96 -43.58
CA PRO C 184 -16.12 9.93 -44.58
C PRO C 184 -17.37 10.67 -44.07
N SER C 185 -17.32 12.00 -44.15
CA SER C 185 -18.46 12.92 -43.93
C SER C 185 -19.68 12.46 -44.72
N SER C 186 -19.47 12.03 -45.96
CA SER C 186 -20.51 11.57 -46.92
C SER C 186 -21.29 10.35 -46.37
N SER C 187 -20.72 9.56 -45.45
CA SER C 187 -21.35 8.33 -44.86
C SER C 187 -22.27 8.64 -43.66
N LEU C 188 -22.21 9.84 -43.08
CA LEU C 188 -22.84 10.11 -41.76
C LEU C 188 -24.36 9.89 -41.79
N GLY C 189 -25.03 10.13 -42.92
CA GLY C 189 -26.51 10.02 -43.01
C GLY C 189 -27.00 8.60 -43.22
N THR C 190 -26.13 7.67 -43.60
CA THR C 190 -26.53 6.37 -44.20
C THR C 190 -25.73 5.19 -43.63
N GLN C 191 -24.62 5.44 -42.93
CA GLN C 191 -23.85 4.37 -42.26
C GLN C 191 -23.97 4.64 -40.76
N THR C 192 -24.47 3.68 -39.99
CA THR C 192 -24.56 3.83 -38.51
C THR C 192 -23.19 3.51 -37.91
N TYR C 193 -22.75 4.31 -36.93
CA TYR C 193 -21.50 4.04 -36.19
C TYR C 193 -21.87 3.72 -34.76
N ILE C 194 -21.39 2.58 -34.27
CA ILE C 194 -21.76 2.11 -32.91
C ILE C 194 -20.48 1.68 -32.20
N CYS C 195 -20.22 2.21 -31.02
CA CYS C 195 -19.11 1.68 -30.21
C CYS C 195 -19.66 0.60 -29.27
N ASN C 196 -18.95 -0.53 -29.24
CA ASN C 196 -19.28 -1.73 -28.44
C ASN C 196 -18.32 -1.75 -27.27
N VAL C 197 -18.85 -1.53 -26.09
CA VAL C 197 -18.04 -1.42 -24.85
C VAL C 197 -18.30 -2.63 -23.99
N ASN C 198 -17.24 -3.31 -23.57
CA ASN C 198 -17.39 -4.49 -22.68
C ASN C 198 -16.57 -4.26 -21.41
N HIS C 199 -17.24 -4.25 -20.27
CA HIS C 199 -16.58 -4.12 -18.95
C HIS C 199 -16.88 -5.39 -18.17
N LYS C 200 -16.04 -6.39 -18.39
CA LYS C 200 -16.22 -7.72 -17.78
C LYS C 200 -16.25 -7.63 -16.25
N PRO C 201 -15.44 -6.79 -15.53
CA PRO C 201 -15.50 -6.81 -14.06
C PRO C 201 -16.90 -6.55 -13.46
N SER C 202 -17.71 -5.72 -14.12
CA SER C 202 -19.08 -5.37 -13.66
C SER C 202 -20.14 -6.14 -14.46
N ASN C 203 -19.75 -7.01 -15.41
CA ASN C 203 -20.69 -7.71 -16.33
C ASN C 203 -21.51 -6.67 -17.11
N THR C 204 -20.91 -5.54 -17.50
CA THR C 204 -21.64 -4.47 -18.22
C THR C 204 -21.23 -4.51 -19.69
N LYS C 205 -22.19 -4.67 -20.60
CA LYS C 205 -21.98 -4.55 -22.06
C LYS C 205 -22.84 -3.40 -22.53
N VAL C 206 -22.25 -2.51 -23.32
CA VAL C 206 -22.96 -1.32 -23.85
C VAL C 206 -22.67 -1.22 -25.35
N ASP C 207 -23.70 -0.97 -26.14
CA ASP C 207 -23.57 -0.56 -27.57
C ASP C 207 -24.12 0.87 -27.65
N LYS C 208 -23.30 1.84 -28.05
CA LYS C 208 -23.70 3.25 -28.13
C LYS C 208 -23.61 3.72 -29.59
N LYS C 209 -24.79 4.01 -30.14
CA LYS C 209 -24.89 4.66 -31.45
C LYS C 209 -24.40 6.10 -31.31
N VAL C 210 -23.59 6.53 -32.25
CA VAL C 210 -22.99 7.88 -32.21
C VAL C 210 -23.52 8.60 -33.45
N GLU C 211 -24.35 9.60 -33.29
CA GLU C 211 -24.92 10.23 -34.52
C GLU C 211 -24.71 11.73 -34.53
N PRO C 212 -24.78 12.39 -35.71
CA PRO C 212 -24.76 13.86 -35.78
C PRO C 212 -25.85 14.48 -34.90
N LYS C 213 -25.60 15.62 -34.24
CA LYS C 213 -26.44 16.15 -33.11
C LYS C 213 -27.76 16.72 -33.65
N ASP D 1 22.17 -2.91 -2.59
CA ASP D 1 21.43 -3.36 -3.80
C ASP D 1 22.16 -2.84 -5.04
N ILE D 2 22.13 -3.62 -6.11
CA ILE D 2 22.69 -3.19 -7.41
C ILE D 2 21.52 -2.67 -8.26
N GLN D 3 21.69 -1.46 -8.79
CA GLN D 3 20.70 -0.74 -9.63
C GLN D 3 21.21 -0.74 -11.08
N MET D 4 20.29 -0.63 -12.03
CA MET D 4 20.60 -0.75 -13.46
C MET D 4 20.13 0.54 -14.13
N THR D 5 20.97 1.14 -14.95
CA THR D 5 20.64 2.41 -15.64
C THR D 5 20.77 2.14 -17.13
N GLN D 6 19.71 2.37 -17.88
CA GLN D 6 19.76 2.16 -19.34
C GLN D 6 19.91 3.51 -20.01
N SER D 7 20.52 3.50 -21.19
CA SER D 7 20.71 4.72 -21.99
C SER D 7 20.73 4.32 -23.46
N PRO D 8 20.16 5.13 -24.38
CA PRO D 8 19.35 6.30 -24.03
C PRO D 8 17.99 5.82 -23.52
N SER D 9 17.16 6.72 -23.00
CA SER D 9 15.84 6.32 -22.48
C SER D 9 14.89 6.11 -23.68
N SER D 10 15.17 6.74 -24.84
CA SER D 10 14.38 6.51 -26.05
C SER D 10 15.19 6.81 -27.30
N LEU D 11 14.87 6.11 -28.38
CA LEU D 11 15.43 6.48 -29.69
C LEU D 11 14.44 6.17 -30.80
N SER D 12 14.57 6.95 -31.87
CA SER D 12 13.80 6.86 -33.13
C SER D 12 14.70 6.27 -34.19
N ALA D 13 14.22 5.29 -34.93
CA ALA D 13 15.03 4.63 -35.98
C ALA D 13 14.10 4.18 -37.10
N SER D 14 14.70 3.82 -38.22
CA SER D 14 14.01 3.25 -39.40
C SER D 14 14.22 1.75 -39.52
N VAL D 15 13.27 1.07 -40.15
CA VAL D 15 13.43 -0.35 -40.57
C VAL D 15 14.74 -0.45 -41.35
N GLY D 16 15.61 -1.42 -41.03
CA GLY D 16 16.91 -1.57 -41.69
C GLY D 16 18.04 -0.92 -40.92
N ASP D 17 17.78 -0.05 -39.94
CA ASP D 17 18.88 0.64 -39.22
C ASP D 17 19.58 -0.34 -38.26
N ARG D 18 20.88 -0.14 -38.06
CA ARG D 18 21.62 -0.80 -36.95
C ARG D 18 21.50 0.10 -35.74
N VAL D 19 21.12 -0.44 -34.58
CA VAL D 19 21.10 0.39 -33.35
C VAL D 19 21.74 -0.39 -32.22
N THR D 20 22.11 0.36 -31.20
CA THR D 20 22.73 -0.13 -29.98
C THR D 20 22.13 0.64 -28.80
N ILE D 21 21.88 -0.05 -27.71
CA ILE D 21 21.42 0.56 -26.45
C ILE D 21 22.32 0.02 -25.35
N THR D 22 22.44 0.75 -24.23
CA THR D 22 23.44 0.43 -23.20
C THR D 22 22.75 0.26 -21.87
N CYS D 23 23.41 -0.50 -21.02
CA CYS D 23 22.92 -0.82 -19.67
C CYS D 23 24.12 -0.83 -18.72
N ARG D 24 24.02 -0.08 -17.63
CA ARG D 24 25.11 0.01 -16.62
C ARG D 24 24.60 -0.46 -15.25
N ALA D 25 25.33 -1.36 -14.61
CA ALA D 25 25.10 -1.84 -13.22
C ALA D 25 25.90 -1.00 -12.23
N SER D 26 25.32 -0.69 -11.06
CA SER D 26 25.96 0.18 -10.02
C SER D 26 27.01 -0.62 -9.24
N GLY D 27 27.07 -1.93 -9.44
CA GLY D 27 28.12 -2.81 -8.88
C GLY D 27 28.33 -3.96 -9.83
N ASN D 28 29.40 -4.73 -9.65
CA ASN D 28 29.82 -5.84 -10.55
C ASN D 28 28.74 -6.94 -10.55
N ILE D 29 28.21 -7.34 -11.70
CA ILE D 29 27.17 -8.40 -11.82
C ILE D 29 27.76 -9.52 -12.68
N HIS D 30 29.06 -9.51 -12.89
CA HIS D 30 29.76 -10.52 -13.73
C HIS D 30 29.07 -10.51 -15.10
N ASN D 31 28.60 -11.64 -15.59
CA ASN D 31 27.80 -11.69 -16.86
C ASN D 31 26.35 -12.07 -16.52
N TYR D 32 25.88 -11.80 -15.31
CA TYR D 32 24.54 -12.22 -14.85
C TYR D 32 23.52 -11.14 -15.29
N LEU D 33 23.30 -11.06 -16.59
CA LEU D 33 22.44 -10.03 -17.19
C LEU D 33 21.53 -10.62 -18.27
N ALA D 34 20.26 -10.21 -18.23
CA ALA D 34 19.25 -10.58 -19.24
C ALA D 34 18.73 -9.32 -19.91
N TRP D 35 18.37 -9.47 -21.18
CA TRP D 35 17.65 -8.46 -21.99
C TRP D 35 16.26 -8.96 -22.33
N TYR D 36 15.28 -8.05 -22.20
CA TYR D 36 13.88 -8.31 -22.53
C TYR D 36 13.41 -7.29 -23.55
N GLN D 37 12.45 -7.74 -24.34
CA GLN D 37 11.65 -6.95 -25.27
C GLN D 37 10.21 -6.94 -24.74
N GLN D 38 9.56 -5.77 -24.70
CA GLN D 38 8.12 -5.68 -24.34
C GLN D 38 7.40 -4.77 -25.32
N LYS D 39 6.38 -5.30 -25.97
CA LYS D 39 5.40 -4.49 -26.73
C LYS D 39 4.25 -4.05 -25.82
N PRO D 40 3.58 -2.93 -26.17
CA PRO D 40 2.51 -2.39 -25.33
C PRO D 40 1.42 -3.44 -25.10
N GLY D 41 1.06 -3.67 -23.84
CA GLY D 41 -0.03 -4.58 -23.45
C GLY D 41 0.33 -6.04 -23.58
N LYS D 42 1.62 -6.38 -23.77
CA LYS D 42 2.10 -7.79 -23.92
C LYS D 42 3.07 -8.12 -22.79
N ALA D 43 3.25 -9.39 -22.50
CA ALA D 43 4.28 -9.84 -21.55
C ALA D 43 5.67 -9.59 -22.17
N PRO D 44 6.66 -9.28 -21.33
CA PRO D 44 8.05 -9.24 -21.74
C PRO D 44 8.46 -10.57 -22.37
N LYS D 45 9.38 -10.50 -23.32
CA LYS D 45 10.01 -11.64 -23.99
C LYS D 45 11.50 -11.63 -23.65
N PHE D 46 11.99 -12.77 -23.19
CA PHE D 46 13.40 -13.00 -22.79
C PHE D 46 14.22 -13.14 -24.08
N LEU D 47 15.20 -12.28 -24.29
CA LEU D 47 15.96 -12.27 -25.58
C LEU D 47 17.35 -12.87 -25.39
N ILE D 48 18.07 -12.38 -24.37
CA ILE D 48 19.50 -12.73 -24.14
C ILE D 48 19.69 -12.94 -22.64
N TYR D 49 20.52 -13.91 -22.29
CA TYR D 49 20.90 -14.14 -20.88
C TYR D 49 22.41 -14.38 -20.79
N ASN D 50 22.93 -14.28 -19.58
CA ASN D 50 24.38 -14.31 -19.32
C ASN D 50 25.05 -13.32 -20.28
N ALA D 51 24.40 -12.16 -20.50
CA ALA D 51 24.94 -10.99 -21.22
C ALA D 51 24.95 -11.20 -22.71
N GLU D 52 25.24 -12.41 -23.20
CA GLU D 52 25.57 -12.60 -24.64
C GLU D 52 24.84 -13.76 -25.25
N THR D 53 24.22 -14.65 -24.48
CA THR D 53 23.62 -15.88 -25.07
C THR D 53 22.19 -15.62 -25.56
N LEU D 54 21.93 -15.89 -26.84
CA LEU D 54 20.57 -15.70 -27.39
C LEU D 54 19.68 -16.80 -26.82
N SER D 55 18.46 -16.48 -26.41
CA SER D 55 17.46 -17.50 -26.05
C SER D 55 16.94 -18.20 -27.32
N ASP D 56 16.45 -19.44 -27.19
CA ASP D 56 15.85 -20.26 -28.28
C ASP D 56 14.88 -19.43 -29.14
N GLY D 57 15.05 -19.43 -30.45
CA GLY D 57 14.11 -18.79 -31.39
C GLY D 57 14.37 -17.30 -31.56
N VAL D 58 15.25 -16.69 -30.78
CA VAL D 58 15.46 -15.22 -30.92
C VAL D 58 16.32 -15.02 -32.17
N PRO D 59 15.91 -14.14 -33.11
CA PRO D 59 16.65 -13.96 -34.36
C PRO D 59 18.09 -13.45 -34.15
N SER D 60 18.99 -13.86 -35.03
CA SER D 60 20.44 -13.60 -34.89
C SER D 60 20.78 -12.13 -35.15
N ARG D 61 19.84 -11.31 -35.60
CA ARG D 61 20.09 -9.84 -35.67
C ARG D 61 20.22 -9.24 -34.26
N PHE D 62 19.75 -9.92 -33.23
CA PHE D 62 19.99 -9.50 -31.82
C PHE D 62 21.38 -9.98 -31.38
N ARG D 63 22.16 -9.12 -30.74
CA ARG D 63 23.41 -9.57 -30.06
C ARG D 63 23.63 -8.74 -28.79
N GLY D 64 24.29 -9.35 -27.83
CA GLY D 64 24.60 -8.74 -26.53
C GLY D 64 26.07 -8.83 -26.24
N SER D 65 26.61 -7.82 -25.59
CA SER D 65 28.02 -7.83 -25.15
C SER D 65 28.05 -7.21 -23.76
N GLY D 66 28.89 -7.72 -22.89
CA GLY D 66 29.16 -7.03 -21.63
C GLY D 66 29.61 -7.98 -20.56
N SER D 67 30.20 -7.37 -19.53
CA SER D 67 30.74 -8.06 -18.34
C SER D 67 30.96 -7.01 -17.26
N GLY D 68 30.77 -7.36 -15.99
CA GLY D 68 31.17 -6.42 -14.92
C GLY D 68 30.07 -5.43 -14.63
N THR D 69 30.24 -4.19 -15.10
CA THR D 69 29.26 -3.10 -14.90
C THR D 69 28.68 -2.55 -16.23
N ASP D 70 29.22 -2.87 -17.41
CA ASP D 70 28.80 -2.20 -18.67
C ASP D 70 28.37 -3.25 -19.69
N PHE D 71 27.18 -3.06 -20.24
CA PHE D 71 26.51 -4.01 -21.15
C PHE D 71 25.90 -3.22 -22.31
N ALA D 72 25.66 -3.89 -23.43
CA ALA D 72 25.02 -3.30 -24.61
C ALA D 72 24.26 -4.36 -25.34
N LEU D 73 23.15 -3.96 -25.92
CA LEU D 73 22.34 -4.77 -26.85
C LEU D 73 22.40 -4.08 -28.20
N SER D 74 22.65 -4.82 -29.24
CA SER D 74 22.63 -4.26 -30.62
C SER D 74 21.66 -5.08 -31.46
N ILE D 75 20.97 -4.39 -32.36
CA ILE D 75 20.14 -5.03 -33.40
C ILE D 75 20.76 -4.62 -34.73
N SER D 76 21.32 -5.59 -35.47
CA SER D 76 22.05 -5.31 -36.75
C SER D 76 21.14 -4.65 -37.80
N SER D 77 19.86 -5.04 -37.90
CA SER D 77 18.90 -4.53 -38.91
C SER D 77 17.50 -4.54 -38.32
N LEU D 78 16.99 -3.38 -37.92
CA LEU D 78 15.67 -3.31 -37.25
C LEU D 78 14.59 -3.79 -38.21
N GLN D 79 13.71 -4.68 -37.74
CA GLN D 79 12.53 -5.16 -38.48
C GLN D 79 11.31 -4.47 -37.89
N PRO D 80 10.19 -4.35 -38.64
CA PRO D 80 8.97 -3.75 -38.08
C PRO D 80 8.58 -4.29 -36.70
N GLU D 81 8.79 -5.58 -36.42
CA GLU D 81 8.31 -6.18 -35.15
C GLU D 81 9.26 -5.89 -33.99
N ASP D 82 10.36 -5.14 -34.22
CA ASP D 82 11.41 -4.91 -33.22
C ASP D 82 11.17 -3.60 -32.47
N PHE D 83 10.22 -2.76 -32.89
CA PHE D 83 9.92 -1.46 -32.24
C PHE D 83 9.15 -1.81 -30.97
N ALA D 84 9.73 -1.52 -29.82
CA ALA D 84 9.32 -2.05 -28.49
C ALA D 84 10.10 -1.31 -27.41
N THR D 85 9.82 -1.63 -26.14
CA THR D 85 10.64 -1.20 -24.99
C THR D 85 11.56 -2.35 -24.61
N TYR D 86 12.83 -2.05 -24.43
CA TYR D 86 13.85 -3.05 -24.04
C TYR D 86 14.28 -2.75 -22.61
N TYR D 87 14.39 -3.81 -21.82
CA TYR D 87 14.81 -3.78 -20.41
C TYR D 87 15.99 -4.73 -20.21
N CYS D 88 16.89 -4.31 -19.36
CA CYS D 88 17.96 -5.19 -18.81
C CYS D 88 17.61 -5.46 -17.35
N GLN D 89 18.08 -6.59 -16.85
CA GLN D 89 17.83 -7.07 -15.49
C GLN D 89 19.08 -7.87 -15.07
N HIS D 90 19.59 -7.63 -13.87
CA HIS D 90 20.73 -8.41 -13.32
C HIS D 90 20.24 -9.53 -12.43
N PHE D 91 21.02 -10.60 -12.34
CA PHE D 91 20.80 -11.74 -11.44
C PHE D 91 22.08 -12.00 -10.61
N MET D 92 22.71 -10.98 -10.06
CA MET D 92 23.97 -11.11 -9.28
C MET D 92 23.58 -11.49 -7.84
N TYR D 93 22.98 -10.59 -7.09
CA TYR D 93 22.34 -10.95 -5.79
C TYR D 93 21.06 -10.15 -5.65
N PRO D 94 20.08 -10.65 -4.88
CA PRO D 94 18.78 -9.98 -4.75
C PRO D 94 18.94 -8.61 -4.11
N PRO D 95 18.17 -7.59 -4.50
CA PRO D 95 17.11 -7.71 -5.50
C PRO D 95 17.63 -7.72 -6.95
N PHE D 96 16.97 -8.49 -7.80
CA PHE D 96 17.34 -8.73 -9.22
C PHE D 96 16.68 -7.64 -10.06
N THR D 97 17.25 -6.45 -9.99
CA THR D 97 16.57 -5.20 -10.39
C THR D 97 16.63 -5.03 -11.91
N PHE D 98 15.67 -4.30 -12.44
CA PHE D 98 15.53 -4.01 -13.89
C PHE D 98 16.05 -2.59 -14.15
N GLY D 99 16.64 -2.33 -15.31
CA GLY D 99 16.75 -0.96 -15.82
C GLY D 99 15.38 -0.32 -16.03
N GLN D 100 15.36 0.99 -16.33
CA GLN D 100 14.10 1.78 -16.49
C GLN D 100 13.56 1.62 -17.91
N GLY D 101 14.30 0.96 -18.80
CA GLY D 101 13.81 0.63 -20.13
C GLY D 101 14.27 1.64 -21.17
N THR D 102 14.42 1.18 -22.41
CA THR D 102 14.72 2.06 -23.56
C THR D 102 13.60 1.86 -24.61
N LYS D 103 12.91 2.91 -24.96
CA LYS D 103 11.77 2.81 -25.89
C LYS D 103 12.30 3.09 -27.30
N LEU D 104 12.12 2.12 -28.18
CA LEU D 104 12.56 2.18 -29.60
C LEU D 104 11.33 2.51 -30.44
N GLU D 105 11.31 3.66 -31.07
CA GLU D 105 10.16 4.16 -31.87
C GLU D 105 10.56 4.34 -33.34
N ILE D 106 9.56 4.34 -34.21
CA ILE D 106 9.75 4.45 -35.68
C ILE D 106 9.86 5.92 -36.03
N LYS D 107 10.92 6.28 -36.70
CA LYS D 107 11.13 7.63 -37.28
C LYS D 107 10.22 7.81 -38.48
N ARG D 108 9.57 8.97 -38.60
CA ARG D 108 8.87 9.36 -39.84
C ARG D 108 8.94 10.88 -39.95
N THR D 109 8.34 11.44 -40.99
CA THR D 109 8.32 12.91 -41.20
C THR D 109 7.34 13.56 -40.20
N VAL D 110 7.61 14.84 -39.94
CA VAL D 110 6.76 15.70 -39.08
C VAL D 110 5.36 15.68 -39.70
N ALA D 111 4.35 15.51 -38.84
CA ALA D 111 2.92 15.52 -39.21
C ALA D 111 2.18 16.38 -38.18
N ALA D 112 1.55 17.46 -38.61
CA ALA D 112 0.78 18.33 -37.72
C ALA D 112 -0.46 17.55 -37.28
N PRO D 113 -0.98 17.76 -36.07
CA PRO D 113 -2.23 17.11 -35.70
C PRO D 113 -3.42 17.73 -36.45
N SER D 114 -4.42 16.91 -36.77
CA SER D 114 -5.80 17.40 -37.04
C SER D 114 -6.51 17.56 -35.71
N VAL D 115 -6.98 18.77 -35.40
CA VAL D 115 -7.52 19.06 -34.07
C VAL D 115 -9.07 19.12 -34.17
N PHE D 116 -9.75 18.47 -33.24
CA PHE D 116 -11.23 18.42 -33.18
C PHE D 116 -11.65 18.72 -31.75
N ILE D 117 -12.74 19.47 -31.57
CA ILE D 117 -13.29 19.70 -30.21
C ILE D 117 -14.73 19.14 -30.16
N PHE D 118 -15.07 18.54 -29.02
CA PHE D 118 -16.37 17.89 -28.76
C PHE D 118 -16.97 18.47 -27.49
N PRO D 119 -18.10 19.21 -27.62
CA PRO D 119 -18.80 19.69 -26.45
C PRO D 119 -19.28 18.47 -25.68
N PRO D 120 -19.65 18.62 -24.40
CA PRO D 120 -20.26 17.53 -23.66
C PRO D 120 -21.60 17.17 -24.30
N SER D 121 -21.99 15.92 -24.19
CA SER D 121 -23.26 15.40 -24.74
C SER D 121 -24.40 15.91 -23.88
N ASP D 122 -25.58 16.10 -24.47
CA ASP D 122 -26.82 16.32 -23.67
C ASP D 122 -26.99 15.18 -22.66
N GLU D 123 -26.75 13.94 -23.10
CA GLU D 123 -26.82 12.75 -22.19
C GLU D 123 -25.99 13.04 -20.93
N GLN D 124 -24.72 13.45 -21.08
CA GLN D 124 -23.83 13.62 -19.91
C GLN D 124 -24.32 14.79 -19.04
N LEU D 125 -24.69 15.90 -19.68
CA LEU D 125 -25.12 17.10 -18.92
C LEU D 125 -26.30 16.72 -18.03
N LYS D 126 -27.22 15.88 -18.53
CA LYS D 126 -28.38 15.38 -17.74
C LYS D 126 -27.88 14.87 -16.37
N SER D 127 -26.69 14.30 -16.27
CA SER D 127 -26.23 13.68 -14.99
C SER D 127 -25.39 14.64 -14.15
N GLY D 128 -25.24 15.92 -14.52
CA GLY D 128 -24.61 16.90 -13.63
C GLY D 128 -23.12 17.15 -13.91
N THR D 129 -22.53 16.49 -14.91
CA THR D 129 -21.10 16.66 -15.25
C THR D 129 -20.94 17.01 -16.72
N ALA D 130 -19.90 17.76 -17.04
CA ALA D 130 -19.56 18.17 -18.42
C ALA D 130 -18.11 17.78 -18.70
N SER D 131 -17.88 16.90 -19.67
CA SER D 131 -16.55 16.54 -20.20
C SER D 131 -16.45 17.16 -21.59
N VAL D 132 -15.51 18.07 -21.74
CA VAL D 132 -15.14 18.65 -23.06
C VAL D 132 -13.89 17.93 -23.54
N VAL D 133 -13.93 17.43 -24.76
CA VAL D 133 -12.82 16.59 -25.29
C VAL D 133 -12.16 17.33 -26.45
N CYS D 134 -10.84 17.44 -26.40
CA CYS D 134 -10.03 17.92 -27.54
C CYS D 134 -9.20 16.73 -28.06
N LEU D 135 -9.36 16.40 -29.33
CA LEU D 135 -8.65 15.32 -30.05
C LEU D 135 -7.58 15.93 -30.97
N LEU D 136 -6.35 15.50 -30.76
CA LEU D 136 -5.22 15.75 -31.70
C LEU D 136 -5.00 14.46 -32.47
N ASN D 137 -5.34 14.42 -33.74
CA ASN D 137 -5.26 13.16 -34.51
C ASN D 137 -4.04 13.08 -35.41
N ASN D 138 -3.32 11.95 -35.34
CA ASN D 138 -2.34 11.48 -36.35
C ASN D 138 -1.23 12.51 -36.56
N PHE D 139 -0.47 12.76 -35.52
CA PHE D 139 0.65 13.72 -35.54
C PHE D 139 1.98 13.03 -35.21
N TYR D 140 3.06 13.71 -35.54
CA TYR D 140 4.44 13.20 -35.28
C TYR D 140 5.34 14.44 -35.28
N PRO D 141 6.27 14.58 -34.31
CA PRO D 141 6.47 13.59 -33.25
C PRO D 141 5.49 13.72 -32.06
N ARG D 142 5.75 12.96 -31.01
CA ARG D 142 4.82 12.72 -29.88
C ARG D 142 4.64 13.99 -29.06
N GLU D 143 5.61 14.91 -29.05
CA GLU D 143 5.60 16.09 -28.14
C GLU D 143 4.54 17.08 -28.65
N ALA D 144 3.66 17.51 -27.75
CA ALA D 144 2.47 18.33 -28.08
C ALA D 144 2.00 19.01 -26.81
N LYS D 145 1.53 20.25 -26.92
CA LYS D 145 1.03 21.05 -25.79
C LYS D 145 -0.45 21.33 -26.08
N VAL D 146 -1.33 21.00 -25.14
CA VAL D 146 -2.76 21.39 -25.20
C VAL D 146 -3.03 22.36 -24.07
N GLN D 147 -3.57 23.53 -24.36
CA GLN D 147 -4.08 24.45 -23.31
C GLN D 147 -5.58 24.64 -23.48
N TRP D 148 -6.33 24.50 -22.39
CA TRP D 148 -7.78 24.83 -22.36
C TRP D 148 -7.95 26.31 -22.02
N LYS D 149 -8.87 26.98 -22.70
CA LYS D 149 -9.37 28.33 -22.35
C LYS D 149 -10.90 28.31 -22.23
N VAL D 150 -11.42 28.79 -21.11
CA VAL D 150 -12.87 28.93 -20.84
C VAL D 150 -13.15 30.43 -20.67
N ASP D 151 -13.91 31.02 -21.59
CA ASP D 151 -14.16 32.48 -21.64
C ASP D 151 -12.78 33.16 -21.64
N ASN D 152 -11.86 32.61 -22.44
CA ASN D 152 -10.51 33.22 -22.65
C ASN D 152 -9.65 33.17 -21.40
N ALA D 153 -10.02 32.47 -20.33
CA ALA D 153 -9.16 32.29 -19.15
C ALA D 153 -8.46 30.91 -19.23
N LEU D 154 -7.15 30.89 -19.06
CA LEU D 154 -6.31 29.66 -19.06
C LEU D 154 -6.77 28.76 -17.91
N GLN D 155 -7.08 27.49 -18.18
CA GLN D 155 -7.48 26.50 -17.16
C GLN D 155 -6.23 25.78 -16.62
N SER D 156 -6.25 25.34 -15.36
CA SER D 156 -5.21 24.45 -14.78
C SER D 156 -5.82 23.55 -13.74
N GLY D 157 -5.40 22.30 -13.70
CA GLY D 157 -5.81 21.36 -12.63
C GLY D 157 -7.11 20.64 -12.98
N ASN D 158 -7.76 20.95 -14.11
CA ASN D 158 -9.11 20.36 -14.38
C ASN D 158 -9.14 19.62 -15.73
N SER D 159 -7.97 19.24 -16.28
CA SER D 159 -7.90 18.41 -17.49
C SER D 159 -6.99 17.19 -17.28
N GLN D 160 -7.22 16.11 -18.01
CA GLN D 160 -6.33 14.92 -18.05
C GLN D 160 -6.13 14.58 -19.53
N GLU D 161 -4.97 14.08 -19.88
CA GLU D 161 -4.72 13.65 -21.27
C GLU D 161 -4.14 12.25 -21.33
N SER D 162 -4.25 11.69 -22.51
CA SER D 162 -3.85 10.31 -22.83
C SER D 162 -3.34 10.32 -24.27
N VAL D 163 -2.38 9.47 -24.60
CA VAL D 163 -1.71 9.43 -25.91
C VAL D 163 -1.71 7.97 -26.34
N THR D 164 -2.05 7.68 -27.57
CA THR D 164 -1.95 6.33 -28.15
C THR D 164 -0.47 5.94 -28.34
N GLU D 165 -0.21 4.65 -28.46
CA GLU D 165 1.09 4.13 -28.94
C GLU D 165 1.17 4.45 -30.43
N GLN D 166 2.39 4.42 -30.96
CA GLN D 166 2.64 4.73 -32.39
C GLN D 166 1.74 3.85 -33.24
N ASP D 167 1.06 4.43 -34.21
CA ASP D 167 0.14 3.67 -35.11
C ASP D 167 0.97 2.69 -35.95
N SER D 168 0.47 1.47 -36.14
CA SER D 168 1.20 0.37 -36.84
C SER D 168 1.20 0.61 -38.35
N LYS D 169 0.26 1.37 -38.89
CA LYS D 169 0.17 1.68 -40.35
C LYS D 169 0.96 2.97 -40.65
N ASP D 170 0.79 4.11 -39.97
CA ASP D 170 1.39 5.41 -40.39
C ASP D 170 2.40 6.01 -39.38
N SER D 171 2.62 5.39 -38.23
CA SER D 171 3.71 5.75 -37.28
C SER D 171 3.39 7.08 -36.58
N THR D 172 2.13 7.52 -36.58
CA THR D 172 1.69 8.74 -35.87
C THR D 172 1.17 8.39 -34.47
N TYR D 173 0.95 9.45 -33.71
CA TYR D 173 0.35 9.45 -32.37
C TYR D 173 -0.96 10.21 -32.42
N SER D 174 -1.85 9.91 -31.51
CA SER D 174 -3.07 10.72 -31.29
C SER D 174 -3.17 10.95 -29.79
N LEU D 175 -3.81 12.04 -29.42
CA LEU D 175 -3.87 12.53 -28.04
C LEU D 175 -5.30 13.00 -27.79
N SER D 176 -5.81 12.66 -26.62
CA SER D 176 -7.14 13.10 -26.15
C SER D 176 -6.86 13.92 -24.90
N SER D 177 -7.39 15.16 -24.83
CA SER D 177 -7.41 15.98 -23.60
C SER D 177 -8.86 16.19 -23.18
N THR D 178 -9.19 15.86 -21.93
CA THR D 178 -10.56 15.98 -21.40
C THR D 178 -10.58 17.05 -20.31
N LEU D 179 -11.45 18.06 -20.49
CA LEU D 179 -11.72 19.12 -19.48
C LEU D 179 -13.01 18.74 -18.76
N THR D 180 -12.97 18.64 -17.43
CA THR D 180 -14.14 18.21 -16.62
C THR D 180 -14.58 19.36 -15.73
N LEU D 181 -15.86 19.72 -15.83
CA LEU D 181 -16.54 20.73 -14.98
C LEU D 181 -17.86 20.13 -14.52
N SER D 182 -18.37 20.58 -13.36
CA SER D 182 -19.79 20.41 -12.98
C SER D 182 -20.66 21.05 -14.05
N LYS D 183 -21.88 20.56 -14.23
CA LYS D 183 -22.84 21.19 -15.17
C LYS D 183 -22.99 22.67 -14.78
N ALA D 184 -23.13 22.97 -13.50
CA ALA D 184 -23.35 24.35 -13.02
C ALA D 184 -22.16 25.22 -13.49
N ASP D 185 -20.92 24.78 -13.29
CA ASP D 185 -19.75 25.56 -13.79
C ASP D 185 -19.80 25.70 -15.31
N TYR D 186 -20.09 24.61 -16.04
CA TYR D 186 -20.14 24.61 -17.53
C TYR D 186 -21.14 25.66 -18.00
N GLU D 187 -22.31 25.74 -17.36
CA GLU D 187 -23.42 26.66 -17.73
C GLU D 187 -23.02 28.13 -17.47
N LYS D 188 -22.05 28.36 -16.59
CA LYS D 188 -21.57 29.73 -16.21
C LYS D 188 -20.74 30.36 -17.34
N HIS D 189 -20.26 29.58 -18.31
CA HIS D 189 -19.30 30.08 -19.32
C HIS D 189 -19.85 29.84 -20.71
N LYS D 190 -19.36 30.60 -21.69
CA LYS D 190 -19.87 30.60 -23.08
C LYS D 190 -18.85 29.98 -24.04
N VAL D 191 -17.56 30.34 -23.93
CA VAL D 191 -16.55 29.98 -24.96
C VAL D 191 -15.63 28.90 -24.39
N TYR D 192 -15.56 27.77 -25.08
CA TYR D 192 -14.70 26.63 -24.72
C TYR D 192 -13.70 26.40 -25.85
N ALA D 193 -12.41 26.49 -25.55
CA ALA D 193 -11.38 26.46 -26.61
C ALA D 193 -10.20 25.56 -26.20
N CYS D 194 -9.70 24.85 -27.19
CA CYS D 194 -8.53 23.96 -27.14
C CYS D 194 -7.40 24.59 -27.95
N GLU D 195 -6.30 25.00 -27.32
CA GLU D 195 -5.14 25.59 -28.04
C GLU D 195 -4.01 24.55 -28.12
N VAL D 196 -3.58 24.24 -29.34
CA VAL D 196 -2.61 23.15 -29.61
C VAL D 196 -1.32 23.74 -30.17
N THR D 197 -0.21 23.38 -29.55
CA THR D 197 1.19 23.71 -29.93
C THR D 197 1.88 22.41 -30.31
N HIS D 198 2.38 22.37 -31.55
CA HIS D 198 3.14 21.25 -32.13
C HIS D 198 4.12 21.76 -33.18
N GLN D 199 5.24 21.07 -33.34
CA GLN D 199 6.34 21.41 -34.27
C GLN D 199 5.82 21.41 -35.73
N GLY D 200 4.75 20.69 -36.04
CA GLY D 200 4.15 20.65 -37.38
C GLY D 200 3.26 21.86 -37.69
N LEU D 201 2.99 22.75 -36.73
CA LEU D 201 2.12 23.93 -37.00
C LEU D 201 2.96 25.22 -36.96
N SER D 202 2.84 26.08 -37.99
CA SER D 202 3.33 27.50 -38.01
C SER D 202 3.06 28.17 -36.66
N SER D 203 1.78 28.21 -36.28
CA SER D 203 1.25 28.95 -35.10
C SER D 203 0.34 27.99 -34.33
N PRO D 204 0.20 28.12 -33.00
CA PRO D 204 -0.80 27.34 -32.27
C PRO D 204 -2.17 27.38 -32.96
N VAL D 205 -2.86 26.24 -32.98
CA VAL D 205 -4.21 26.09 -33.60
C VAL D 205 -5.23 26.04 -32.46
N THR D 206 -6.31 26.82 -32.57
CA THR D 206 -7.40 26.86 -31.58
C THR D 206 -8.65 26.26 -32.23
N LYS D 207 -9.25 25.28 -31.56
CA LYS D 207 -10.62 24.84 -31.90
C LYS D 207 -11.48 25.27 -30.73
N SER D 208 -12.65 25.84 -31.01
CA SER D 208 -13.52 26.31 -29.90
C SER D 208 -14.98 26.17 -30.30
N PHE D 209 -15.86 26.32 -29.34
CA PHE D 209 -17.31 26.37 -29.63
C PHE D 209 -17.92 27.30 -28.60
N ASN D 210 -19.11 27.81 -28.90
CA ASN D 210 -19.97 28.57 -27.97
C ASN D 210 -21.01 27.62 -27.41
N ARG D 211 -21.11 27.52 -26.10
CA ARG D 211 -22.05 26.57 -25.48
C ARG D 211 -23.45 26.90 -26.02
N GLY D 212 -24.21 25.87 -26.43
CA GLY D 212 -25.61 25.95 -26.92
C GLY D 212 -25.71 26.34 -28.41
N GLU D 213 -24.60 26.33 -29.17
CA GLU D 213 -24.56 26.64 -30.62
C GLU D 213 -24.07 25.39 -31.35
N TYR E 1 -30.32 18.04 12.36
CA TYR E 1 -30.00 19.50 12.33
C TYR E 1 -30.89 20.21 13.35
N PRO E 2 -30.30 21.03 14.24
CA PRO E 2 -31.05 21.59 15.37
C PRO E 2 -32.05 22.65 14.91
N ILE E 3 -33.04 22.92 15.77
CA ILE E 3 -34.19 23.86 15.55
C ILE E 3 -33.76 25.27 16.01
N LYS E 4 -33.86 26.25 15.13
CA LYS E 4 -33.41 27.65 15.37
C LYS E 4 -34.37 28.34 16.34
N PRO E 5 -33.94 28.88 17.50
CA PRO E 5 -34.86 29.65 18.35
C PRO E 5 -35.23 31.00 17.70
N GLU E 6 -36.49 31.43 17.82
CA GLU E 6 -37.02 32.74 17.33
C GLU E 6 -36.56 33.86 18.28
N ALA E 7 -36.09 34.98 17.74
CA ALA E 7 -35.78 36.20 18.51
C ALA E 7 -37.08 36.71 19.14
N PRO E 8 -37.07 37.15 20.41
CA PRO E 8 -38.26 37.77 20.98
C PRO E 8 -38.64 39.04 20.20
N GLY E 9 -39.88 39.45 20.41
CA GLY E 9 -40.38 40.75 19.92
C GLY E 9 -39.85 41.95 20.69
N GLU E 10 -40.33 43.10 20.24
CA GLU E 10 -39.95 44.44 20.70
C GLU E 10 -40.25 44.59 22.20
N ASP E 11 -41.27 43.92 22.72
CA ASP E 11 -41.71 44.17 24.13
C ASP E 11 -41.07 43.13 25.09
N ALA E 12 -40.06 42.37 24.66
CA ALA E 12 -39.52 41.27 25.51
C ALA E 12 -38.93 41.81 26.81
N SER E 13 -39.09 41.06 27.91
CA SER E 13 -38.43 41.29 29.21
C SER E 13 -36.94 40.96 29.11
N PRO E 14 -36.10 41.44 30.05
CA PRO E 14 -34.70 41.03 30.07
C PRO E 14 -34.61 39.52 30.31
N GLU E 15 -35.53 38.99 31.09
CA GLU E 15 -35.59 37.52 31.31
C GLU E 15 -35.70 36.81 29.95
N GLU E 16 -36.62 37.24 29.08
CA GLU E 16 -36.86 36.56 27.77
C GLU E 16 -35.64 36.73 26.86
N LEU E 17 -35.04 37.90 26.85
CA LEU E 17 -33.88 38.21 25.96
C LEU E 17 -32.64 37.44 26.41
N ASN E 18 -32.38 37.36 27.72
CA ASN E 18 -31.24 36.58 28.27
C ASN E 18 -31.45 35.08 27.98
N ARG E 19 -32.69 34.59 28.07
CA ARG E 19 -33.04 33.16 27.78
C ARG E 19 -32.77 32.89 26.31
N TYR E 20 -33.17 33.83 25.46
CA TYR E 20 -32.86 33.80 24.01
C TYR E 20 -31.36 33.74 23.74
N TYR E 21 -30.55 34.59 24.39
CA TYR E 21 -29.08 34.53 24.25
C TYR E 21 -28.57 33.09 24.50
N ALA E 22 -29.03 32.47 25.57
CA ALA E 22 -28.61 31.08 25.91
C ALA E 22 -29.11 30.11 24.84
N SER E 23 -30.36 30.22 24.38
CA SER E 23 -30.91 29.31 23.34
C SER E 23 -30.14 29.48 22.03
N LEU E 24 -29.78 30.72 21.67
CA LEU E 24 -29.01 31.01 20.44
C LEU E 24 -27.62 30.39 20.56
N ARG E 25 -26.96 30.51 21.70
CA ARG E 25 -25.60 29.95 21.90
C ARG E 25 -25.67 28.42 21.78
N HIS E 26 -26.73 27.81 22.33
CA HIS E 26 -26.94 26.33 22.30
C HIS E 26 -27.13 25.89 20.86
N TYR E 27 -27.97 26.60 20.12
CA TYR E 27 -28.25 26.33 18.70
C TYR E 27 -26.94 26.36 17.92
N LEU E 28 -26.20 27.46 18.03
CA LEU E 28 -24.94 27.64 17.27
C LEU E 28 -23.91 26.60 17.68
N ASN E 29 -23.89 26.19 18.95
CA ASN E 29 -22.98 25.09 19.36
C ASN E 29 -23.35 23.83 18.58
N LEU E 30 -24.64 23.52 18.49
CA LEU E 30 -25.11 22.29 17.81
C LEU E 30 -24.77 22.40 16.33
N VAL E 31 -24.95 23.58 15.74
CA VAL E 31 -24.65 23.78 14.30
C VAL E 31 -23.16 23.51 14.14
N THR E 32 -22.30 24.11 14.95
CA THR E 32 -20.84 24.06 14.66
C THR E 32 -20.26 22.72 15.07
N ARG E 33 -20.89 22.00 16.01
CA ARG E 33 -20.31 20.73 16.52
C ARG E 33 -20.83 19.50 15.77
N GLN E 34 -21.95 19.63 15.07
CA GLN E 34 -22.72 18.46 14.57
C GLN E 34 -21.84 17.44 13.81
N ARG E 35 -21.03 17.88 12.86
CA ARG E 35 -20.29 16.94 11.98
C ARG E 35 -19.30 16.09 12.79
N TYR E 36 -18.80 16.58 13.93
CA TYR E 36 -17.84 15.80 14.77
C TYR E 36 -18.56 14.65 15.47
N PRO F 2 21.01 -29.13 -9.60
CA PRO F 2 21.38 -29.87 -10.83
C PRO F 2 22.45 -30.93 -10.49
N ILE F 3 22.24 -32.21 -10.84
CA ILE F 3 23.15 -33.34 -10.48
C ILE F 3 24.36 -33.36 -11.45
N LYS F 4 25.59 -33.19 -10.93
CA LYS F 4 26.84 -33.28 -11.73
C LYS F 4 27.07 -34.73 -12.14
N PRO F 5 27.27 -35.05 -13.44
CA PRO F 5 27.59 -36.42 -13.82
C PRO F 5 28.99 -36.75 -13.28
N GLU F 6 29.21 -37.97 -12.81
CA GLU F 6 30.56 -38.43 -12.36
C GLU F 6 31.47 -38.52 -13.59
N ALA F 7 32.71 -38.01 -13.54
CA ALA F 7 33.75 -38.25 -14.57
C ALA F 7 33.83 -39.76 -14.82
N PRO F 8 33.92 -40.23 -16.08
CA PRO F 8 34.06 -41.67 -16.34
C PRO F 8 35.36 -42.28 -15.80
N GLY F 9 35.41 -43.61 -15.63
CA GLY F 9 36.65 -44.31 -15.23
C GLY F 9 37.68 -44.36 -16.36
N GLU F 10 38.93 -44.74 -16.04
CA GLU F 10 40.10 -44.82 -16.98
C GLU F 10 39.79 -45.79 -18.12
N ASP F 11 38.91 -46.77 -17.92
CA ASP F 11 38.62 -47.84 -18.90
C ASP F 11 37.22 -47.64 -19.54
N ALA F 12 36.57 -46.48 -19.40
CA ALA F 12 35.24 -46.24 -20.02
C ALA F 12 35.32 -46.40 -21.56
N SER F 13 34.26 -46.88 -22.19
CA SER F 13 34.20 -47.06 -23.65
C SER F 13 34.03 -45.69 -24.33
N PRO F 14 34.39 -45.55 -25.62
CA PRO F 14 34.04 -44.35 -26.40
C PRO F 14 32.56 -44.00 -26.28
N GLU F 15 31.67 -45.00 -26.33
CA GLU F 15 30.20 -44.76 -26.21
C GLU F 15 29.89 -44.13 -24.85
N GLU F 16 30.51 -44.61 -23.77
CA GLU F 16 30.28 -44.09 -22.40
C GLU F 16 30.78 -42.64 -22.32
N LEU F 17 31.86 -42.30 -23.01
CA LEU F 17 32.37 -40.91 -23.01
C LEU F 17 31.44 -40.01 -23.82
N ASN F 18 30.85 -40.51 -24.89
CA ASN F 18 29.82 -39.75 -25.65
C ASN F 18 28.59 -39.49 -24.74
N ARG F 19 28.13 -40.51 -24.04
CA ARG F 19 26.99 -40.35 -23.09
C ARG F 19 27.39 -39.32 -22.02
N TYR F 20 28.62 -39.39 -21.53
CA TYR F 20 29.14 -38.44 -20.52
C TYR F 20 29.11 -37.01 -21.08
N TYR F 21 29.57 -36.82 -22.31
CA TYR F 21 29.56 -35.47 -22.96
C TYR F 21 28.16 -34.86 -22.90
N ALA F 22 27.16 -35.62 -23.34
CA ALA F 22 25.76 -35.16 -23.37
C ALA F 22 25.31 -34.79 -21.95
N SER F 23 25.65 -35.60 -20.94
CA SER F 23 25.32 -35.34 -19.51
C SER F 23 26.02 -34.09 -19.00
N LEU F 24 27.30 -33.90 -19.32
CA LEU F 24 28.05 -32.72 -18.83
C LEU F 24 27.45 -31.44 -19.44
N ARG F 25 27.18 -31.46 -20.75
CA ARG F 25 26.59 -30.29 -21.47
C ARG F 25 25.24 -29.94 -20.82
N HIS F 26 24.40 -30.92 -20.58
CA HIS F 26 23.06 -30.72 -19.97
C HIS F 26 23.20 -30.13 -18.55
N TYR F 27 24.09 -30.70 -17.71
CA TYR F 27 24.41 -30.19 -16.34
C TYR F 27 24.85 -28.73 -16.43
N LEU F 28 25.74 -28.37 -17.36
CA LEU F 28 26.32 -26.98 -17.40
C LEU F 28 25.26 -26.01 -17.93
N ASN F 29 24.42 -26.48 -18.83
CA ASN F 29 23.25 -25.70 -19.33
C ASN F 29 22.34 -25.35 -18.14
N LEU F 30 22.07 -26.32 -17.26
CA LEU F 30 21.21 -26.10 -16.06
C LEU F 30 21.93 -25.18 -15.08
N VAL F 31 23.24 -25.32 -14.88
CA VAL F 31 24.02 -24.44 -13.96
C VAL F 31 23.92 -23.01 -14.47
N THR F 32 24.18 -22.77 -15.75
CA THR F 32 24.23 -21.38 -16.26
C THR F 32 22.81 -20.78 -16.34
N ARG F 33 21.76 -21.58 -16.53
CA ARG F 33 20.41 -21.04 -16.78
C ARG F 33 19.65 -20.85 -15.47
N GLN F 34 20.11 -21.46 -14.38
CA GLN F 34 19.27 -21.70 -13.17
C GLN F 34 18.74 -20.38 -12.58
N ARG F 35 19.62 -19.38 -12.39
CA ARG F 35 19.29 -18.11 -11.69
C ARG F 35 18.16 -17.38 -12.43
N TYR F 36 18.04 -17.56 -13.75
CA TYR F 36 17.01 -16.85 -14.57
C TYR F 36 15.62 -17.41 -14.30
#